data_5HPY
#
_entry.id   5HPY
#
_cell.length_a   114.055
_cell.length_b   90.762
_cell.length_c   93.582
_cell.angle_alpha   90.000
_cell.angle_beta   90.000
_cell.angle_gamma   90.000
#
_symmetry.space_group_name_H-M   'P 21 21 2'
#
loop_
_entity.id
_entity.type
_entity.pdbx_description
1 polymer 'Unconventional myosin-IXb'
2 polymer 'Transforming protein RhoA'
3 non-polymer TRIFLUOROMAGNESATE
4 non-polymer 'MAGNESIUM ION'
5 non-polymer "GUANOSINE-5'-DIPHOSPHATE"
6 water water
#
loop_
_entity_poly.entity_id
_entity_poly.type
_entity_poly.pdbx_seq_one_letter_code
_entity_poly.pdbx_strand_id
1 'polypeptide(L)'
;GPGSEFPGVEPGHFGVCVDSLTSDKASVPIVLEKLLEHVEMHGLYTEGLYRKSGAANRTRELRQALQTDPAAVKLENFPI
HAITGVLKQWLRELPEPLMTFAQYGDFLRAVELPEKQEQLAAIYAVLEHLPEANHNSLERLIFHLVKVALLEDVNRMSPG
ALAIIFAPCLLRCPDNSDPLTSMKDVLKITTCVEMLIKEQMRKYKVKMEEISQLEAAESIAFRRLSLLRQNA
;
A,D
2 'polypeptide(L)'
;GPGSEFAIRKKLVIVGDGACGKTCLLIVNSKDQFPEVYVPTVFENYVADIEVDGKQVELALWDTAGQEDYDRLRPLSYPD
TDVILMCFSIDSPDSLENIPEKWTPEVKHFCPNVPIILVGNKKDLRNDEHTRRELAKMKQEPVKPEEGRDMANRIGAFGY
MECSAKTKDGVREVFEMATRAALQA
;
B,F
#
# COMPACT_ATOMS: atom_id res chain seq x y z
N GLY A 12 -37.26 -7.98 -4.02
CA GLY A 12 -36.55 -6.73 -3.85
C GLY A 12 -35.78 -6.45 -5.12
N HIS A 13 -35.35 -5.21 -5.44
CA HIS A 13 -35.50 -3.88 -4.78
C HIS A 13 -34.34 -3.50 -3.85
N PHE A 14 -34.39 -3.92 -2.58
CA PHE A 14 -33.32 -3.58 -1.62
C PHE A 14 -32.50 -4.80 -1.21
N GLY A 15 -31.21 -4.61 -1.02
CA GLY A 15 -30.34 -5.70 -0.59
C GLY A 15 -30.27 -6.88 -1.56
N VAL A 16 -30.25 -6.58 -2.86
CA VAL A 16 -30.01 -7.60 -3.88
C VAL A 16 -28.71 -7.27 -4.61
N CYS A 17 -28.18 -8.21 -5.39
CA CYS A 17 -26.91 -8.01 -6.09
C CYS A 17 -27.02 -6.90 -7.15
N VAL A 18 -26.09 -5.95 -7.12
CA VAL A 18 -26.10 -4.82 -8.03
C VAL A 18 -25.78 -5.24 -9.47
N SER A 27 -28.24 -0.89 -17.00
CA SER A 27 -27.17 0.06 -16.71
C SER A 27 -27.02 0.31 -15.19
N VAL A 28 -27.90 1.15 -14.64
CA VAL A 28 -27.91 1.47 -13.21
C VAL A 28 -29.27 1.09 -12.62
N PRO A 29 -29.27 0.40 -11.46
CA PRO A 29 -30.52 -0.08 -10.83
C PRO A 29 -31.58 1.02 -10.69
N ILE A 30 -32.82 0.71 -11.04
CA ILE A 30 -33.82 1.77 -11.21
C ILE A 30 -34.11 2.52 -9.90
N VAL A 31 -33.99 1.82 -8.78
CA VAL A 31 -34.18 2.42 -7.45
C VAL A 31 -33.14 3.50 -7.18
N LEU A 32 -31.89 3.19 -7.50
CA LEU A 32 -30.79 4.12 -7.39
C LEU A 32 -31.05 5.36 -8.24
N GLU A 33 -31.23 5.14 -9.54
CA GLU A 33 -31.50 6.23 -10.49
C GLU A 33 -32.68 7.12 -10.08
N LYS A 34 -33.80 6.49 -9.75
CA LYS A 34 -35.00 7.23 -9.31
C LYS A 34 -34.69 8.14 -8.13
N LEU A 35 -34.03 7.56 -7.12
CA LEU A 35 -33.64 8.31 -5.94
C LEU A 35 -32.67 9.45 -6.29
N LEU A 36 -31.66 9.15 -7.09
CA LEU A 36 -30.66 10.14 -7.45
C LEU A 36 -31.31 11.30 -8.19
N GLU A 37 -32.04 10.97 -9.26
CA GLU A 37 -32.63 11.99 -10.13
C GLU A 37 -33.56 12.94 -9.39
N HIS A 38 -34.31 12.42 -8.42
CA HIS A 38 -35.19 13.27 -7.63
C HIS A 38 -34.41 14.26 -6.75
N VAL A 39 -33.33 13.78 -6.13
CA VAL A 39 -32.50 14.59 -5.26
C VAL A 39 -31.77 15.67 -6.07
N GLU A 40 -31.32 15.29 -7.26
CA GLU A 40 -30.70 16.26 -8.15
C GLU A 40 -31.74 17.32 -8.57
N MET A 41 -32.93 16.88 -8.93
CA MET A 41 -33.98 17.82 -9.34
C MET A 41 -34.45 18.73 -8.21
N HIS A 42 -34.37 18.25 -6.95
CA HIS A 42 -35.04 18.92 -5.83
C HIS A 42 -34.14 19.27 -4.63
N GLY A 43 -33.06 18.53 -4.42
CA GLY A 43 -32.39 18.57 -3.14
C GLY A 43 -31.10 19.36 -3.03
N LEU A 44 -30.57 19.81 -4.17
CA LEU A 44 -29.20 20.29 -4.20
C LEU A 44 -29.00 21.62 -3.49
N TYR A 45 -30.09 22.24 -3.03
CA TYR A 45 -29.95 23.48 -2.30
C TYR A 45 -30.19 23.27 -0.81
N THR A 46 -30.51 22.04 -0.43
CA THR A 46 -30.83 21.76 0.95
C THR A 46 -29.58 21.75 1.83
N GLU A 47 -29.58 22.61 2.83
CA GLU A 47 -28.49 22.63 3.78
C GLU A 47 -28.31 21.27 4.43
N GLY A 48 -27.09 20.74 4.34
CA GLY A 48 -26.74 19.52 5.03
C GLY A 48 -27.25 18.25 4.38
N LEU A 49 -27.50 18.31 3.08
CA LEU A 49 -27.88 17.13 2.27
C LEU A 49 -26.89 15.96 2.50
N TYR A 50 -27.45 14.81 2.88
CA TYR A 50 -26.73 13.58 3.28
C TYR A 50 -26.09 13.63 4.67
N ARG A 51 -25.95 14.84 5.24
CA ARG A 51 -25.45 14.97 6.60
C ARG A 51 -26.59 14.77 7.61
N LYS A 52 -27.76 15.35 7.33
CA LYS A 52 -28.92 15.25 8.22
C LYS A 52 -29.68 13.95 7.95
N SER A 53 -30.23 13.33 9.00
CA SER A 53 -31.05 12.13 8.80
C SER A 53 -32.54 12.49 8.77
N GLY A 54 -33.35 11.63 8.13
CA GLY A 54 -34.79 11.84 8.14
C GLY A 54 -35.37 11.36 9.45
N ALA A 55 -36.67 11.59 9.64
CA ALA A 55 -37.39 10.93 10.72
C ALA A 55 -37.33 9.43 10.46
N ALA A 56 -37.08 8.64 11.51
CA ALA A 56 -36.87 7.20 11.31
C ALA A 56 -38.11 6.54 10.74
N ASN A 57 -39.28 6.83 11.31
CA ASN A 57 -40.51 6.20 10.83
C ASN A 57 -40.89 6.62 9.41
N ARG A 58 -40.70 7.89 9.07
CA ARG A 58 -41.01 8.33 7.72
C ARG A 58 -40.03 7.72 6.72
N THR A 59 -38.79 7.55 7.15
CA THR A 59 -37.76 6.89 6.34
C THR A 59 -38.16 5.42 6.12
N ARG A 60 -38.55 4.75 7.19
CA ARG A 60 -38.94 3.35 7.16
C ARG A 60 -40.12 3.11 6.20
N GLU A 61 -41.10 4.01 6.21
CA GLU A 61 -42.24 3.90 5.31
C GLU A 61 -41.83 4.08 3.85
N LEU A 62 -40.85 4.94 3.60
CA LEU A 62 -40.39 5.15 2.23
C LEU A 62 -39.67 3.91 1.72
N ARG A 63 -38.89 3.28 2.61
CA ARG A 63 -38.18 2.06 2.26
C ARG A 63 -39.17 0.93 1.96
N GLN A 64 -40.24 0.84 2.75
CA GLN A 64 -41.26 -0.20 2.55
C GLN A 64 -41.98 0.01 1.22
N ALA A 65 -42.23 1.28 0.90
CA ALA A 65 -42.92 1.64 -0.34
C ALA A 65 -42.12 1.25 -1.57
N LEU A 66 -40.80 1.41 -1.51
CA LEU A 66 -39.93 1.09 -2.65
C LEU A 66 -39.69 -0.42 -2.79
N GLN A 67 -40.25 -1.22 -1.88
CA GLN A 67 -40.29 -2.66 -2.10
C GLN A 67 -41.58 -3.02 -2.81
N THR A 68 -42.65 -2.27 -2.52
CA THR A 68 -43.96 -2.56 -3.11
C THR A 68 -43.95 -2.21 -4.60
N ASP A 69 -44.02 -0.92 -4.93
CA ASP A 69 -44.12 -0.52 -6.34
C ASP A 69 -43.09 0.57 -6.67
N PRO A 70 -41.82 0.17 -6.86
CA PRO A 70 -40.65 1.08 -6.98
C PRO A 70 -40.87 2.28 -7.91
N ALA A 71 -41.60 2.10 -9.02
CA ALA A 71 -41.81 3.20 -9.94
C ALA A 71 -43.04 4.04 -9.58
N ALA A 72 -44.00 3.42 -8.87
CA ALA A 72 -45.26 4.08 -8.52
C ALA A 72 -45.18 4.95 -7.25
N VAL A 73 -43.96 5.24 -6.80
CA VAL A 73 -43.73 6.05 -5.60
C VAL A 73 -43.57 7.54 -5.94
N LYS A 74 -44.51 8.37 -5.47
CA LYS A 74 -44.40 9.81 -5.67
C LYS A 74 -43.50 10.46 -4.61
N LEU A 75 -42.21 10.55 -4.93
CA LEU A 75 -41.21 11.02 -3.98
C LEU A 75 -41.46 12.44 -3.44
N GLU A 76 -42.36 13.18 -4.07
CA GLU A 76 -42.63 14.54 -3.64
C GLU A 76 -43.39 14.53 -2.32
N ASN A 77 -44.02 13.38 -2.04
CA ASN A 77 -44.72 13.19 -0.78
C ASN A 77 -43.79 12.84 0.39
N PHE A 78 -42.50 12.75 0.13
CA PHE A 78 -41.54 12.44 1.19
C PHE A 78 -40.58 13.60 1.48
N PRO A 79 -40.16 13.74 2.73
CA PRO A 79 -39.16 14.74 3.11
C PRO A 79 -37.80 14.36 2.52
N ILE A 80 -37.03 15.39 2.17
CA ILE A 80 -35.81 15.22 1.38
C ILE A 80 -34.71 14.46 2.16
N HIS A 81 -34.72 14.55 3.48
CA HIS A 81 -33.76 13.80 4.30
C HIS A 81 -34.18 12.35 4.51
N ALA A 82 -35.48 12.06 4.44
CA ALA A 82 -35.94 10.67 4.35
C ALA A 82 -35.47 10.07 3.02
N ILE A 83 -35.57 10.85 1.95
CA ILE A 83 -35.16 10.36 0.64
C ILE A 83 -33.66 10.07 0.63
N THR A 84 -32.86 10.99 1.18
CA THR A 84 -31.42 10.72 1.29
C THR A 84 -31.17 9.57 2.25
N GLY A 85 -31.95 9.48 3.33
CA GLY A 85 -31.76 8.39 4.27
C GLY A 85 -31.89 7.03 3.58
N VAL A 86 -32.91 6.90 2.72
CA VAL A 86 -33.18 5.63 2.05
C VAL A 86 -32.11 5.32 1.00
N LEU A 87 -31.60 6.36 0.36
CA LEU A 87 -30.54 6.19 -0.61
C LEU A 87 -29.30 5.56 0.05
N LYS A 88 -28.80 6.17 1.12
CA LYS A 88 -27.67 5.61 1.86
C LYS A 88 -27.97 4.23 2.45
N GLN A 89 -29.21 4.01 2.90
CA GLN A 89 -29.62 2.68 3.36
C GLN A 89 -29.52 1.62 2.24
N TRP A 90 -29.84 2.01 1.01
CA TRP A 90 -29.73 1.10 -0.12
C TRP A 90 -28.26 0.67 -0.29
N LEU A 91 -27.36 1.65 -0.36
CA LEU A 91 -25.93 1.38 -0.50
C LEU A 91 -25.35 0.47 0.59
N ARG A 92 -25.86 0.62 1.80
CA ARG A 92 -25.32 -0.16 2.93
C ARG A 92 -25.94 -1.55 2.99
N GLU A 93 -27.00 -1.78 2.23
CA GLU A 93 -27.68 -3.07 2.31
C GLU A 93 -27.34 -4.00 1.14
N LEU A 94 -26.64 -3.47 0.15
CA LEU A 94 -26.07 -4.30 -0.91
C LEU A 94 -25.32 -5.50 -0.30
N PRO A 95 -25.49 -6.69 -0.91
CA PRO A 95 -24.81 -7.91 -0.46
C PRO A 95 -23.33 -7.68 -0.26
N GLU A 96 -22.67 -7.21 -1.32
CA GLU A 96 -21.30 -6.75 -1.25
C GLU A 96 -21.33 -5.26 -1.54
N PRO A 97 -20.54 -4.47 -0.78
CA PRO A 97 -20.39 -3.02 -0.95
C PRO A 97 -20.14 -2.64 -2.39
N LEU A 98 -20.45 -1.40 -2.75
CA LEU A 98 -20.35 -0.95 -4.12
C LEU A 98 -18.94 -1.16 -4.69
N MET A 99 -17.97 -0.50 -4.08
CA MET A 99 -16.57 -0.81 -4.33
C MET A 99 -16.39 -2.17 -3.71
N THR A 100 -15.56 -3.03 -4.27
CA THR A 100 -15.76 -4.43 -3.91
C THR A 100 -14.99 -4.89 -2.65
N PHE A 101 -15.35 -6.06 -2.13
CA PHE A 101 -14.57 -6.73 -1.09
C PHE A 101 -13.15 -7.03 -1.57
N ALA A 102 -13.05 -7.47 -2.82
CA ALA A 102 -11.77 -7.81 -3.46
C ALA A 102 -10.79 -6.63 -3.53
N GLN A 103 -11.28 -5.47 -3.94
CA GLN A 103 -10.43 -4.31 -4.17
C GLN A 103 -10.23 -3.45 -2.94
N TYR A 104 -10.84 -3.87 -1.83
CA TYR A 104 -10.82 -3.08 -0.60
C TYR A 104 -9.39 -2.73 -0.24
N GLY A 105 -8.55 -3.77 -0.18
CA GLY A 105 -7.16 -3.64 0.21
C GLY A 105 -6.38 -2.75 -0.72
N ASP A 106 -6.71 -2.80 -2.00
CA ASP A 106 -6.02 -1.98 -3.00
C ASP A 106 -6.41 -0.50 -2.95
N PHE A 107 -7.67 -0.21 -2.63
CA PHE A 107 -8.05 1.19 -2.45
C PHE A 107 -7.30 1.78 -1.26
N LEU A 108 -7.21 1.00 -0.18
CA LEU A 108 -6.50 1.45 1.01
C LEU A 108 -5.03 1.79 0.72
N ARG A 109 -4.37 0.91 -0.03
CA ARG A 109 -2.96 1.10 -0.34
C ARG A 109 -2.76 2.28 -1.29
N ALA A 110 -3.68 2.43 -2.24
CA ALA A 110 -3.65 3.55 -3.17
C ALA A 110 -3.55 4.87 -2.41
N VAL A 111 -4.31 4.93 -1.32
CA VAL A 111 -4.35 6.05 -0.41
C VAL A 111 -3.06 6.18 0.43
N GLU A 112 -2.40 5.06 0.70
CA GLU A 112 -1.19 5.07 1.51
C GLU A 112 0.04 5.57 0.74
N LEU A 113 -0.05 5.63 -0.59
CA LEU A 113 1.03 6.18 -1.42
C LEU A 113 1.37 7.61 -0.97
N PRO A 114 2.63 8.05 -1.18
CA PRO A 114 3.18 9.26 -0.53
C PRO A 114 2.67 10.60 -1.04
N GLU A 115 2.43 10.74 -2.33
CA GLU A 115 2.01 12.04 -2.84
C GLU A 115 0.78 11.97 -3.75
N LYS A 116 0.13 13.12 -3.89
CA LYS A 116 -1.20 13.23 -4.46
C LYS A 116 -1.42 12.48 -5.77
N GLN A 117 -0.58 12.76 -6.76
CA GLN A 117 -0.90 12.33 -8.13
C GLN A 117 -0.83 10.82 -8.35
N GLU A 118 -0.08 10.13 -7.50
CA GLU A 118 0.08 8.68 -7.64
C GLU A 118 -0.95 7.93 -6.79
N GLN A 119 -1.35 8.52 -5.67
CA GLN A 119 -2.54 8.05 -4.96
C GLN A 119 -3.70 8.06 -5.96
N LEU A 120 -3.87 9.21 -6.60
CA LEU A 120 -4.95 9.41 -7.56
C LEU A 120 -4.84 8.40 -8.71
N ALA A 121 -3.63 8.27 -9.26
CA ALA A 121 -3.37 7.36 -10.36
C ALA A 121 -3.62 5.90 -9.95
N ALA A 122 -3.27 5.57 -8.71
CA ALA A 122 -3.51 4.21 -8.21
C ALA A 122 -5.00 3.92 -8.01
N ILE A 123 -5.72 4.86 -7.39
CA ILE A 123 -7.15 4.72 -7.19
C ILE A 123 -7.90 4.50 -8.51
N TYR A 124 -7.54 5.25 -9.54
CA TYR A 124 -8.21 5.07 -10.81
C TYR A 124 -7.77 3.75 -11.41
N ALA A 125 -6.53 3.37 -11.13
CA ALA A 125 -6.05 2.06 -11.55
C ALA A 125 -6.83 0.94 -10.85
N VAL A 126 -7.23 1.14 -9.59
CA VAL A 126 -8.03 0.11 -8.92
C VAL A 126 -9.43 0.03 -9.55
N LEU A 127 -9.93 1.17 -10.00
CA LEU A 127 -11.32 1.29 -10.48
C LEU A 127 -11.63 0.52 -11.75
N GLU A 128 -10.63 0.35 -12.60
CA GLU A 128 -10.80 -0.39 -13.84
C GLU A 128 -10.85 -1.91 -13.54
N HIS A 129 -10.54 -2.26 -12.30
CA HIS A 129 -10.58 -3.65 -11.86
C HIS A 129 -11.96 -4.05 -11.33
N LEU A 130 -12.85 -3.08 -11.18
CA LEU A 130 -14.20 -3.34 -10.68
C LEU A 130 -15.02 -4.10 -11.72
N PRO A 131 -15.96 -4.94 -11.26
CA PRO A 131 -16.94 -5.48 -12.20
C PRO A 131 -17.80 -4.33 -12.70
N GLU A 132 -18.14 -4.32 -13.98
CA GLU A 132 -18.72 -3.13 -14.59
C GLU A 132 -20.06 -2.71 -13.96
N ALA A 133 -20.83 -3.66 -13.46
CA ALA A 133 -22.08 -3.32 -12.74
C ALA A 133 -21.78 -2.48 -11.48
N ASN A 134 -20.66 -2.75 -10.82
CA ASN A 134 -20.25 -1.95 -9.67
C ASN A 134 -19.75 -0.61 -10.13
N HIS A 135 -19.04 -0.64 -11.25
CA HIS A 135 -18.50 0.56 -11.85
C HIS A 135 -19.60 1.48 -12.39
N ASN A 136 -20.70 0.89 -12.87
CA ASN A 136 -21.84 1.69 -13.37
C ASN A 136 -22.49 2.48 -12.25
N SER A 137 -22.92 1.77 -11.22
CA SER A 137 -23.59 2.39 -10.09
C SER A 137 -22.66 3.38 -9.39
N LEU A 138 -21.39 3.01 -9.22
CA LEU A 138 -20.43 3.84 -8.50
C LEU A 138 -20.18 5.16 -9.20
N GLU A 139 -19.99 5.12 -10.52
CA GLU A 139 -19.71 6.35 -11.25
C GLU A 139 -20.95 7.24 -11.29
N ARG A 140 -22.13 6.64 -11.37
CA ARG A 140 -23.36 7.43 -11.28
C ARG A 140 -23.42 8.14 -9.93
N LEU A 141 -23.10 7.40 -8.87
CA LEU A 141 -23.15 7.96 -7.52
C LEU A 141 -22.10 9.05 -7.35
N ILE A 142 -20.88 8.80 -7.82
CA ILE A 142 -19.84 9.82 -7.71
C ILE A 142 -20.27 11.09 -8.48
N PHE A 143 -20.87 10.93 -9.66
CA PHE A 143 -21.33 12.06 -10.46
C PHE A 143 -22.34 12.88 -9.67
N HIS A 144 -23.27 12.16 -9.04
CA HIS A 144 -24.26 12.76 -8.14
C HIS A 144 -23.60 13.62 -7.07
N LEU A 145 -22.57 13.07 -6.43
CA LEU A 145 -21.89 13.73 -5.32
C LEU A 145 -21.10 14.95 -5.82
N VAL A 146 -20.55 14.85 -7.03
CA VAL A 146 -19.97 16.02 -7.69
C VAL A 146 -20.98 17.16 -7.77
N LYS A 147 -22.20 16.87 -8.22
CA LYS A 147 -23.23 17.90 -8.35
C LYS A 147 -23.56 18.49 -7.00
N VAL A 148 -23.60 17.65 -5.96
CA VAL A 148 -23.86 18.16 -4.64
C VAL A 148 -22.78 19.17 -4.25
N ALA A 149 -21.51 18.79 -4.47
CA ALA A 149 -20.37 19.59 -3.98
C ALA A 149 -20.19 20.87 -4.79
N LEU A 150 -20.53 20.84 -6.07
CA LEU A 150 -20.45 22.03 -6.91
C LEU A 150 -21.33 23.13 -6.31
N LEU A 151 -22.40 22.74 -5.63
CA LEU A 151 -23.28 23.68 -4.97
C LEU A 151 -23.00 23.82 -3.48
N GLU A 152 -21.74 23.59 -3.08
CA GLU A 152 -21.36 23.72 -1.67
C GLU A 152 -21.75 25.09 -1.13
N ASP A 153 -21.69 26.10 -1.99
CA ASP A 153 -22.02 27.45 -1.56
C ASP A 153 -23.43 27.56 -1.02
N VAL A 154 -24.33 26.69 -1.49
CA VAL A 154 -25.70 26.73 -0.99
C VAL A 154 -25.92 25.66 0.07
N ASN A 155 -25.59 24.42 -0.24
CA ASN A 155 -25.97 23.32 0.65
C ASN A 155 -24.94 23.03 1.77
N ARG A 156 -23.73 23.59 1.63
CA ARG A 156 -22.63 23.57 2.62
C ARG A 156 -21.82 22.27 2.65
N MET A 157 -22.15 21.34 1.76
CA MET A 157 -21.48 20.05 1.68
C MET A 157 -20.23 20.09 0.77
N SER A 158 -19.06 20.15 1.41
CA SER A 158 -17.79 19.95 0.72
C SER A 158 -17.61 18.49 0.27
N PRO A 159 -16.66 18.24 -0.65
CA PRO A 159 -16.27 16.86 -0.97
C PRO A 159 -15.85 16.06 0.28
N GLY A 160 -15.10 16.72 1.16
CA GLY A 160 -14.67 16.14 2.42
C GLY A 160 -15.83 15.68 3.29
N ALA A 161 -16.83 16.55 3.45
CA ALA A 161 -17.99 16.22 4.24
C ALA A 161 -18.73 15.01 3.62
N LEU A 162 -18.82 14.99 2.29
CA LEU A 162 -19.57 13.92 1.65
C LEU A 162 -18.82 12.60 1.78
N ALA A 163 -17.48 12.70 1.72
CA ALA A 163 -16.62 11.52 1.81
C ALA A 163 -16.78 10.87 3.18
N ILE A 164 -16.84 11.71 4.22
CA ILE A 164 -16.98 11.20 5.58
C ILE A 164 -18.25 10.33 5.70
N ILE A 165 -19.31 10.81 5.09
CA ILE A 165 -20.62 10.22 5.19
C ILE A 165 -20.73 8.96 4.35
N PHE A 166 -20.20 9.03 3.14
CA PHE A 166 -20.36 7.92 2.21
C PHE A 166 -19.30 6.82 2.35
N ALA A 167 -18.14 7.15 2.93
CA ALA A 167 -17.05 6.18 2.99
C ALA A 167 -17.50 4.84 3.62
N PRO A 168 -18.14 4.87 4.81
CA PRO A 168 -18.62 3.56 5.31
C PRO A 168 -19.74 2.89 4.48
N CYS A 169 -20.44 3.64 3.62
CA CYS A 169 -21.45 3.06 2.73
C CYS A 169 -20.80 2.26 1.60
N LEU A 170 -19.67 2.76 1.11
CA LEU A 170 -19.09 2.29 -0.13
C LEU A 170 -18.07 1.16 0.06
N LEU A 171 -17.35 1.17 1.18
CA LEU A 171 -16.32 0.18 1.48
C LEU A 171 -16.46 -0.44 2.89
N ARG A 172 -16.37 -1.77 2.98
CA ARG A 172 -16.52 -2.48 4.26
C ARG A 172 -15.49 -3.63 4.43
N CYS A 173 -14.86 -3.71 5.60
CA CYS A 173 -13.85 -4.74 5.87
C CYS A 173 -14.46 -6.15 5.94
N SER A 177 -13.58 -8.21 10.00
CA SER A 177 -14.10 -7.09 10.78
C SER A 177 -13.46 -7.05 12.18
N ASP A 178 -13.01 -5.86 12.58
CA ASP A 178 -12.36 -5.67 13.88
C ASP A 178 -13.37 -5.31 15.00
N PRO A 179 -14.02 -4.11 14.95
CA PRO A 179 -13.93 -2.91 14.13
C PRO A 179 -13.02 -1.84 14.76
N LEU A 180 -12.08 -2.27 15.61
CA LEU A 180 -11.21 -1.36 16.35
C LEU A 180 -10.49 -0.38 15.45
N THR A 181 -9.50 -0.86 14.70
CA THR A 181 -8.76 0.02 13.82
C THR A 181 -9.44 0.10 12.45
N SER A 182 -10.71 -0.33 12.41
CA SER A 182 -11.59 0.00 11.29
C SER A 182 -11.78 1.52 11.27
N MET A 183 -11.61 2.15 12.43
CA MET A 183 -11.62 3.61 12.50
C MET A 183 -10.43 4.17 11.73
N LYS A 184 -9.26 3.57 11.92
CA LYS A 184 -8.06 3.99 11.21
C LYS A 184 -8.26 3.75 9.70
N ASP A 185 -8.92 2.64 9.36
CA ASP A 185 -9.23 2.33 7.99
C ASP A 185 -10.29 3.27 7.39
N VAL A 186 -11.28 3.66 8.19
CA VAL A 186 -12.40 4.48 7.71
C VAL A 186 -11.87 5.81 7.20
N LEU A 187 -10.82 6.34 7.84
CA LEU A 187 -10.26 7.63 7.46
C LEU A 187 -9.60 7.51 6.11
N LYS A 188 -9.04 6.32 5.84
CA LYS A 188 -8.39 6.11 4.56
C LYS A 188 -9.39 5.97 3.42
N ILE A 189 -10.48 5.23 3.65
CA ILE A 189 -11.49 5.09 2.59
C ILE A 189 -12.19 6.44 2.40
N THR A 190 -12.22 7.26 3.46
CA THR A 190 -12.74 8.63 3.37
C THR A 190 -11.86 9.45 2.45
N THR A 191 -10.55 9.31 2.61
CA THR A 191 -9.60 10.02 1.76
C THR A 191 -9.69 9.56 0.31
N CYS A 192 -9.91 8.27 0.14
CA CYS A 192 -10.12 7.71 -1.18
C CYS A 192 -11.36 8.34 -1.85
N VAL A 193 -12.50 8.31 -1.16
CA VAL A 193 -13.72 8.86 -1.75
C VAL A 193 -13.59 10.38 -1.89
N GLU A 194 -12.92 11.02 -0.94
CA GLU A 194 -12.76 12.46 -1.04
C GLU A 194 -11.96 12.84 -2.29
N MET A 195 -10.96 12.04 -2.62
CA MET A 195 -10.15 12.30 -3.79
C MET A 195 -10.88 12.03 -5.09
N LEU A 196 -11.73 11.01 -5.10
CA LEU A 196 -12.55 10.71 -6.27
C LEU A 196 -13.48 11.89 -6.54
N ILE A 197 -14.18 12.35 -5.51
CA ILE A 197 -15.10 13.47 -5.69
C ILE A 197 -14.33 14.67 -6.23
N LYS A 198 -13.17 14.95 -5.64
CA LYS A 198 -12.40 16.13 -6.03
C LYS A 198 -11.83 16.04 -7.45
N GLU A 199 -11.42 14.84 -7.84
CA GLU A 199 -10.80 14.63 -9.13
C GLU A 199 -11.85 14.72 -10.24
N GLN A 200 -12.99 14.11 -10.00
CA GLN A 200 -14.11 14.21 -10.91
C GLN A 200 -14.60 15.66 -11.03
N MET A 201 -14.51 16.40 -9.92
CA MET A 201 -14.96 17.79 -9.89
C MET A 201 -14.04 18.71 -10.71
N ARG A 202 -12.73 18.48 -10.66
CA ARG A 202 -11.84 19.35 -11.40
C ARG A 202 -11.89 18.97 -12.87
N LYS A 203 -12.04 17.68 -13.14
CA LYS A 203 -12.11 17.19 -14.50
C LYS A 203 -13.42 17.73 -15.13
N TYR A 204 -14.43 17.97 -14.30
CA TYR A 204 -15.60 18.71 -14.73
C TYR A 204 -15.24 20.14 -15.15
N LYS A 205 -14.54 20.85 -14.28
CA LYS A 205 -14.13 22.23 -14.55
C LYS A 205 -13.37 22.32 -15.87
N VAL A 206 -12.50 21.36 -16.13
CA VAL A 206 -11.68 21.41 -17.34
C VAL A 206 -12.48 21.02 -18.59
N LYS A 207 -13.41 20.07 -18.47
CA LYS A 207 -14.18 19.64 -19.62
C LYS A 207 -15.08 20.76 -20.08
N MET A 208 -15.63 21.50 -19.13
CA MET A 208 -16.46 22.65 -19.44
C MET A 208 -15.62 23.70 -20.14
N GLU A 209 -14.37 23.84 -19.71
CA GLU A 209 -13.47 24.77 -20.37
C GLU A 209 -13.14 24.31 -21.80
N GLU A 210 -12.82 23.02 -21.97
CA GLU A 210 -12.34 22.51 -23.24
C GLU A 210 -13.42 22.54 -24.33
N ILE A 211 -14.67 22.44 -23.89
CA ILE A 211 -15.82 22.47 -24.78
C ILE A 211 -15.92 23.74 -25.60
N SER A 212 -15.46 24.84 -25.00
CA SER A 212 -15.50 26.14 -25.63
C SER A 212 -14.23 26.41 -26.43
N GLN A 213 -13.44 25.36 -26.66
CA GLN A 213 -12.08 25.54 -27.20
C GLN A 213 -11.82 24.82 -28.52
N LEU A 214 -10.96 25.45 -29.32
CA LEU A 214 -10.58 25.01 -30.68
C LEU A 214 -11.75 25.21 -31.65
N ALA B 7 -8.68 15.43 42.33
CA ALA B 7 -9.67 15.79 41.30
C ALA B 7 -10.32 14.54 40.69
N ILE B 8 -11.62 14.65 40.42
CA ILE B 8 -12.42 13.51 39.98
C ILE B 8 -12.56 13.46 38.45
N ARG B 9 -12.30 12.27 37.89
CA ARG B 9 -12.36 12.08 36.45
C ARG B 9 -13.64 11.34 36.04
N LYS B 10 -14.43 11.99 35.19
CA LYS B 10 -15.64 11.38 34.65
C LYS B 10 -15.67 11.46 33.11
N LYS B 11 -16.14 10.39 32.48
CA LYS B 11 -16.28 10.32 31.03
C LYS B 11 -17.69 10.66 30.55
N LEU B 12 -17.79 11.69 29.71
CA LEU B 12 -19.08 12.02 29.10
C LEU B 12 -19.04 11.70 27.61
N VAL B 13 -20.12 11.10 27.10
CA VAL B 13 -20.25 10.87 25.66
C VAL B 13 -21.47 11.63 25.13
N ILE B 14 -21.34 12.31 23.98
CA ILE B 14 -22.45 13.04 23.41
C ILE B 14 -22.95 12.36 22.12
N VAL B 15 -24.27 12.24 21.98
CA VAL B 15 -24.83 11.60 20.80
C VAL B 15 -26.11 12.32 20.37
N GLY B 16 -26.55 12.05 19.13
CA GLY B 16 -27.71 12.70 18.57
C GLY B 16 -27.60 12.82 17.06
N ASP B 17 -28.70 13.14 16.38
CA ASP B 17 -28.68 13.22 14.92
C ASP B 17 -27.59 14.17 14.40
N GLY B 18 -27.19 13.90 13.17
CA GLY B 18 -26.15 14.68 12.52
C GLY B 18 -26.62 16.11 12.46
N ALA B 19 -25.68 17.04 12.67
CA ALA B 19 -25.89 18.47 12.51
C ALA B 19 -26.85 19.03 13.53
N CYS B 20 -27.12 18.30 14.60
CA CYS B 20 -27.95 18.87 15.66
C CYS B 20 -27.12 19.66 16.72
N GLY B 21 -25.83 19.87 16.45
CA GLY B 21 -25.00 20.79 17.25
C GLY B 21 -24.20 20.19 18.40
N LYS B 22 -23.81 18.91 18.27
CA LYS B 22 -23.07 18.27 19.34
C LYS B 22 -21.70 18.92 19.51
N THR B 23 -21.01 19.12 18.38
CA THR B 23 -19.62 19.54 18.44
C THR B 23 -19.55 21.00 18.94
N CYS B 24 -20.39 21.88 18.41
CA CYS B 24 -20.48 23.25 18.95
C CYS B 24 -20.75 23.30 20.47
N LEU B 25 -21.70 22.49 20.93
CA LEU B 25 -21.98 22.38 22.35
C LEU B 25 -20.72 22.04 23.17
N LEU B 26 -19.99 21.02 22.73
CA LEU B 26 -18.79 20.58 23.42
C LEU B 26 -17.68 21.64 23.42
N ILE B 27 -17.43 22.23 22.26
CA ILE B 27 -16.37 23.21 22.08
CA ILE B 27 -16.35 23.19 22.13
C ILE B 27 -16.65 24.47 22.89
N VAL B 28 -17.92 24.90 22.89
CA VAL B 28 -18.29 26.13 23.56
C VAL B 28 -18.13 25.96 25.08
N ASN B 29 -18.42 24.77 25.60
CA ASN B 29 -18.18 24.52 27.02
C ASN B 29 -16.71 24.41 27.38
N SER B 30 -15.93 23.71 26.56
CA SER B 30 -14.55 23.43 26.90
C SER B 30 -13.64 24.61 26.54
N LYS B 31 -13.85 25.17 25.35
CA LYS B 31 -12.99 26.24 24.83
C LYS B 31 -13.62 27.64 24.88
N ASP B 32 -14.89 27.70 25.25
CA ASP B 32 -15.68 28.94 25.14
C ASP B 32 -15.46 29.62 23.79
N GLN B 33 -15.69 28.86 22.73
CA GLN B 33 -15.51 29.33 21.36
C GLN B 33 -16.50 28.61 20.46
N PHE B 34 -16.83 29.23 19.33
CA PHE B 34 -17.87 28.68 18.48
C PHE B 34 -17.33 28.40 17.08
N PRO B 35 -17.15 27.12 16.76
CA PRO B 35 -16.56 26.66 15.49
C PRO B 35 -17.39 27.10 14.28
N GLU B 36 -16.74 27.28 13.13
CA GLU B 36 -17.39 27.86 11.96
C GLU B 36 -17.39 26.92 10.76
N VAL B 37 -16.47 25.97 10.79
CA VAL B 37 -16.34 24.97 9.73
C VAL B 37 -17.51 24.01 9.74
N TYR B 38 -18.05 23.72 8.56
CA TYR B 38 -19.16 22.78 8.43
C TYR B 38 -18.62 21.40 8.03
N VAL B 39 -18.27 20.59 9.02
CA VAL B 39 -17.76 19.25 8.77
C VAL B 39 -18.30 18.25 9.79
N PRO B 40 -18.71 17.09 9.30
CA PRO B 40 -19.19 16.11 10.27
C PRO B 40 -18.06 15.45 11.05
N THR B 41 -18.26 15.36 12.36
CA THR B 41 -17.39 14.63 13.28
C THR B 41 -17.44 13.11 13.02
N VAL B 42 -16.29 12.44 13.00
CA VAL B 42 -16.31 10.98 13.08
C VAL B 42 -16.05 10.59 14.55
N PHE B 43 -14.90 11.01 15.06
CA PHE B 43 -14.47 10.75 16.44
C PHE B 43 -13.58 11.86 16.92
N GLU B 44 -13.90 12.53 18.01
CA GLU B 44 -12.95 13.49 18.62
C GLU B 44 -13.00 13.46 20.16
N ASN B 45 -11.99 14.07 20.79
CA ASN B 45 -11.91 14.11 22.25
C ASN B 45 -11.56 15.51 22.71
N TYR B 46 -12.22 15.92 23.79
CA TYR B 46 -11.91 17.19 24.43
C TYR B 46 -11.91 16.96 25.92
N VAL B 47 -11.39 17.95 26.65
CA VAL B 47 -11.38 17.92 28.10
C VAL B 47 -11.93 19.26 28.62
N ALA B 48 -12.80 19.19 29.62
CA ALA B 48 -13.32 20.41 30.24
C ALA B 48 -13.26 20.28 31.74
N ASP B 49 -12.84 21.33 32.40
CA ASP B 49 -12.83 21.30 33.85
C ASP B 49 -14.09 22.00 34.36
N ILE B 50 -14.63 21.44 35.43
CA ILE B 50 -15.92 21.89 35.90
C ILE B 50 -15.97 21.84 37.42
N GLU B 51 -16.73 22.77 38.00
CA GLU B 51 -16.89 22.88 39.43
C GLU B 51 -18.37 22.83 39.81
N VAL B 52 -18.77 21.81 40.57
CA VAL B 52 -20.15 21.73 41.09
C VAL B 52 -20.22 21.22 42.53
N ASP B 53 -21.06 21.87 43.33
CA ASP B 53 -21.27 21.50 44.72
C ASP B 53 -19.93 21.35 45.44
N GLY B 54 -19.04 22.32 45.20
CA GLY B 54 -17.75 22.35 45.85
C GLY B 54 -16.78 21.28 45.37
N LYS B 55 -17.17 20.56 44.33
CA LYS B 55 -16.36 19.44 43.83
C LYS B 55 -15.63 19.81 42.53
N GLN B 56 -14.43 19.24 42.34
CA GLN B 56 -13.63 19.51 41.15
C GLN B 56 -13.59 18.34 40.17
N VAL B 57 -14.19 18.51 39.00
CA VAL B 57 -14.26 17.41 38.04
C VAL B 57 -13.59 17.70 36.69
N GLU B 58 -12.74 16.76 36.27
CA GLU B 58 -12.21 16.74 34.92
C GLU B 58 -13.15 15.91 34.03
N LEU B 59 -13.82 16.58 33.11
CA LEU B 59 -14.76 15.96 32.20
C LEU B 59 -14.12 15.57 30.84
N ALA B 60 -13.94 14.27 30.60
CA ALA B 60 -13.54 13.81 29.27
C ALA B 60 -14.76 13.84 28.33
N LEU B 61 -14.69 14.68 27.30
CA LEU B 61 -15.78 14.85 26.34
C LEU B 61 -15.51 14.05 25.06
N TRP B 62 -16.34 13.03 24.81
CA TRP B 62 -16.17 12.16 23.64
C TRP B 62 -17.19 12.52 22.57
N ASP B 63 -16.71 13.03 21.44
CA ASP B 63 -17.58 13.49 20.36
C ASP B 63 -17.80 12.37 19.36
N THR B 64 -19.02 12.27 18.84
CA THR B 64 -19.34 11.14 17.96
C THR B 64 -20.08 11.57 16.67
N ALA B 65 -20.27 10.62 15.77
CA ALA B 65 -21.07 10.82 14.57
C ALA B 65 -22.57 10.46 14.75
N GLY B 66 -23.43 11.36 14.29
CA GLY B 66 -24.87 11.17 14.35
C GLY B 66 -25.49 10.41 13.18
N GLN B 67 -24.69 10.19 12.14
CA GLN B 67 -25.15 9.49 10.95
C GLN B 67 -25.27 7.96 11.15
N GLU B 68 -26.37 7.40 10.67
CA GLU B 68 -26.59 5.97 10.67
C GLU B 68 -25.40 5.25 10.04
N ASP B 69 -24.76 5.89 9.07
CA ASP B 69 -23.64 5.29 8.36
C ASP B 69 -22.51 4.84 9.29
N TYR B 70 -22.41 5.46 10.46
CA TYR B 70 -21.39 5.18 11.47
C TYR B 70 -21.93 4.34 12.65
N ASP B 71 -23.05 3.68 12.43
CA ASP B 71 -23.65 2.87 13.48
C ASP B 71 -22.74 1.71 13.96
N ARG B 72 -21.97 1.11 13.05
CA ARG B 72 -21.07 0.00 13.38
C ARG B 72 -19.85 0.47 14.14
N LEU B 73 -19.50 1.75 14.00
CA LEU B 73 -18.29 2.28 14.62
C LEU B 73 -18.53 3.05 15.93
N ARG B 74 -19.68 3.71 16.04
CA ARG B 74 -19.98 4.56 17.19
C ARG B 74 -19.86 3.85 18.55
N PRO B 75 -20.29 2.58 18.65
CA PRO B 75 -20.22 2.05 20.03
C PRO B 75 -18.81 1.91 20.61
N LEU B 76 -17.77 2.08 19.80
CA LEU B 76 -16.39 2.10 20.31
C LEU B 76 -16.17 3.20 21.36
N SER B 77 -17.08 4.17 21.39
CA SER B 77 -16.97 5.31 22.28
C SER B 77 -17.61 5.07 23.64
N TYR B 78 -18.49 4.08 23.70
CA TYR B 78 -19.34 3.93 24.87
C TYR B 78 -18.68 3.33 26.14
N PRO B 79 -17.63 2.50 26.01
CA PRO B 79 -17.13 1.95 27.29
C PRO B 79 -16.76 2.99 28.35
N ASP B 80 -17.14 2.66 29.58
CA ASP B 80 -16.80 3.39 30.80
C ASP B 80 -17.35 4.80 30.87
N THR B 81 -18.48 5.02 30.21
CA THR B 81 -19.13 6.30 30.22
C THR B 81 -19.79 6.54 31.59
N ASP B 82 -19.64 7.75 32.11
CA ASP B 82 -20.24 8.11 33.42
C ASP B 82 -21.47 8.97 33.22
N VAL B 83 -21.57 9.64 32.07
CA VAL B 83 -22.80 10.31 31.75
C VAL B 83 -22.95 10.54 30.25
N ILE B 84 -24.20 10.50 29.80
CA ILE B 84 -24.56 10.70 28.40
C ILE B 84 -25.26 12.03 28.17
N LEU B 85 -24.80 12.81 27.19
CA LEU B 85 -25.60 13.89 26.66
C LEU B 85 -26.29 13.41 25.38
N MET B 86 -27.61 13.29 25.43
CA MET B 86 -28.37 12.84 24.28
C MET B 86 -29.12 14.03 23.71
N CYS B 87 -28.73 14.41 22.50
CA CYS B 87 -29.13 15.67 21.88
C CYS B 87 -30.09 15.53 20.72
N PHE B 88 -30.96 16.52 20.62
CA PHE B 88 -31.74 16.79 19.40
C PHE B 88 -31.67 18.29 19.22
N SER B 89 -32.20 18.76 18.10
CA SER B 89 -32.20 20.18 17.80
C SER B 89 -33.62 20.79 17.88
N ILE B 90 -33.77 21.93 18.57
CA ILE B 90 -35.09 22.57 18.75
C ILE B 90 -35.73 22.89 17.38
N ASP B 91 -34.87 23.22 16.41
CA ASP B 91 -35.37 23.50 15.05
C ASP B 91 -35.63 22.24 14.21
N SER B 92 -35.51 21.05 14.80
CA SER B 92 -35.83 19.83 14.04
C SER B 92 -36.70 18.85 14.79
N PRO B 93 -38.00 18.80 14.45
CA PRO B 93 -38.87 17.82 15.09
C PRO B 93 -38.46 16.39 14.71
N ASP B 94 -37.85 16.23 13.53
CA ASP B 94 -37.41 14.89 13.11
C ASP B 94 -36.38 14.30 14.06
N SER B 95 -35.50 15.17 14.58
CA SER B 95 -34.40 14.70 15.43
C SER B 95 -34.92 14.35 16.83
N LEU B 96 -35.98 15.03 17.26
CA LEU B 96 -36.66 14.66 18.51
C LEU B 96 -37.33 13.30 18.34
N GLU B 97 -37.94 13.07 17.17
CA GLU B 97 -38.54 11.79 16.84
C GLU B 97 -37.52 10.67 16.93
N ASN B 98 -36.29 10.95 16.52
CA ASN B 98 -35.28 9.90 16.56
C ASN B 98 -34.73 9.66 17.95
N ILE B 99 -35.12 10.47 18.94
CA ILE B 99 -34.64 10.24 20.29
C ILE B 99 -35.15 8.89 20.89
N PRO B 100 -36.48 8.64 20.91
CA PRO B 100 -36.96 7.35 21.45
C PRO B 100 -36.83 6.16 20.51
N GLU B 101 -36.63 6.46 19.24
CA GLU B 101 -36.62 5.47 18.19
C GLU B 101 -35.21 4.91 17.94
N LYS B 102 -34.19 5.74 18.15
CA LYS B 102 -32.85 5.37 17.75
C LYS B 102 -31.82 5.60 18.87
N TRP B 103 -31.75 6.81 19.44
CA TRP B 103 -30.71 7.09 20.41
C TRP B 103 -30.93 6.41 21.76
N THR B 104 -32.18 6.42 22.24
CA THR B 104 -32.44 5.80 23.53
C THR B 104 -32.11 4.30 23.51
N PRO B 105 -32.54 3.55 22.46
CA PRO B 105 -32.21 2.13 22.48
C PRO B 105 -30.71 1.86 22.40
N GLU B 106 -30.00 2.65 21.59
CA GLU B 106 -28.55 2.45 21.45
C GLU B 106 -27.85 2.77 22.76
N VAL B 107 -28.27 3.83 23.44
CA VAL B 107 -27.56 4.25 24.64
C VAL B 107 -27.88 3.36 25.84
N LYS B 108 -29.15 3.03 26.01
CA LYS B 108 -29.54 2.14 27.09
C LYS B 108 -28.91 0.76 26.89
N HIS B 109 -28.64 0.37 25.64
CA HIS B 109 -28.04 -0.94 25.44
C HIS B 109 -26.55 -0.95 25.73
N PHE B 110 -25.80 0.03 25.21
CA PHE B 110 -24.35 0.02 25.47
C PHE B 110 -24.00 0.66 26.79
N CYS B 111 -24.89 1.49 27.32
CA CYS B 111 -24.60 2.18 28.56
C CYS B 111 -25.68 1.96 29.63
N PRO B 112 -25.96 0.68 29.97
CA PRO B 112 -27.01 0.47 30.97
C PRO B 112 -26.60 1.06 32.31
N ASN B 113 -27.57 1.55 33.06
CA ASN B 113 -27.30 2.17 34.35
C ASN B 113 -26.56 3.51 34.26
N VAL B 114 -26.38 4.05 33.05
CA VAL B 114 -25.71 5.33 32.92
C VAL B 114 -26.74 6.46 32.82
N PRO B 115 -26.62 7.50 33.67
CA PRO B 115 -27.57 8.62 33.64
C PRO B 115 -27.55 9.36 32.30
N ILE B 116 -28.74 9.67 31.80
CA ILE B 116 -28.92 10.34 30.53
C ILE B 116 -29.51 11.74 30.70
N ILE B 117 -28.80 12.75 30.23
CA ILE B 117 -29.36 14.09 30.16
C ILE B 117 -29.86 14.34 28.74
N LEU B 118 -31.17 14.47 28.59
CA LEU B 118 -31.77 14.85 27.33
C LEU B 118 -31.53 16.35 27.14
N VAL B 119 -31.06 16.73 25.96
CA VAL B 119 -30.65 18.10 25.70
C VAL B 119 -31.25 18.60 24.40
N GLY B 120 -32.07 19.64 24.47
CA GLY B 120 -32.56 20.30 23.26
C GLY B 120 -31.62 21.42 22.86
N ASN B 121 -30.95 21.28 21.70
CA ASN B 121 -29.94 22.23 21.21
C ASN B 121 -30.53 23.35 20.37
N LYS B 122 -29.75 24.41 20.18
CA LYS B 122 -30.11 25.49 19.25
C LYS B 122 -31.35 26.22 19.72
N LYS B 123 -31.41 26.47 21.03
CA LYS B 123 -32.53 27.14 21.71
C LYS B 123 -32.90 28.49 21.07
N ASP B 124 -31.90 29.17 20.52
CA ASP B 124 -32.10 30.47 19.89
C ASP B 124 -33.02 30.43 18.64
N LEU B 125 -33.40 29.24 18.20
CA LEU B 125 -34.10 29.11 16.92
C LEU B 125 -35.61 28.86 17.08
N ARG B 126 -36.05 28.58 18.31
CA ARG B 126 -37.47 28.27 18.60
C ARG B 126 -38.45 29.35 18.12
N ASN B 127 -38.02 30.61 18.14
CA ASN B 127 -38.86 31.70 17.61
C ASN B 127 -38.17 32.47 16.48
N ASP B 128 -37.03 31.97 16.00
CA ASP B 128 -36.35 32.54 14.84
C ASP B 128 -37.27 32.47 13.63
N GLU B 129 -37.35 33.56 12.88
CA GLU B 129 -38.37 33.70 11.84
C GLU B 129 -38.11 32.79 10.62
N HIS B 130 -36.88 32.78 10.11
CA HIS B 130 -36.55 31.89 9.00
C HIS B 130 -36.83 30.41 9.34
N THR B 131 -36.59 30.04 10.60
CA THR B 131 -36.79 28.66 11.05
C THR B 131 -38.29 28.26 10.99
N ARG B 132 -39.13 29.04 11.66
CA ARG B 132 -40.57 28.77 11.68
C ARG B 132 -41.20 28.81 10.28
N ARG B 133 -40.69 29.68 9.42
CA ARG B 133 -41.07 29.71 8.02
C ARG B 133 -40.80 28.36 7.36
N GLU B 134 -39.58 27.88 7.52
CA GLU B 134 -39.16 26.65 6.87
C GLU B 134 -39.90 25.42 7.40
N LEU B 135 -40.07 25.36 8.71
CA LEU B 135 -40.80 24.26 9.34
C LEU B 135 -42.29 24.31 8.97
N ALA B 136 -42.83 25.51 8.78
CA ALA B 136 -44.25 25.63 8.44
C ALA B 136 -44.51 25.09 7.04
N LYS B 137 -43.51 25.16 6.15
CA LYS B 137 -43.63 24.59 4.81
C LYS B 137 -43.98 23.10 4.87
N MET B 138 -43.54 22.42 5.92
CA MET B 138 -43.83 21.00 6.11
C MET B 138 -44.79 20.74 7.29
N LYS B 139 -45.64 21.72 7.59
CA LYS B 139 -46.59 21.66 8.71
C LYS B 139 -45.92 21.31 10.05
N GLN B 140 -44.66 21.70 10.22
CA GLN B 140 -43.96 21.50 11.49
C GLN B 140 -43.68 22.85 12.15
N GLU B 141 -43.36 22.80 13.43
CA GLU B 141 -42.95 23.96 14.18
C GLU B 141 -41.80 23.53 15.09
N PRO B 142 -41.03 24.49 15.62
CA PRO B 142 -40.01 24.11 16.58
C PRO B 142 -40.56 23.27 17.71
N VAL B 143 -39.70 22.44 18.27
CA VAL B 143 -40.04 21.68 19.46
C VAL B 143 -40.40 22.64 20.58
N LYS B 144 -41.51 22.36 21.23
CA LYS B 144 -41.94 23.13 22.39
C LYS B 144 -41.34 22.46 23.62
N PRO B 145 -40.93 23.25 24.61
CA PRO B 145 -40.24 22.75 25.82
C PRO B 145 -40.94 21.53 26.42
N GLU B 146 -42.28 21.61 26.38
CA GLU B 146 -43.18 20.56 26.82
C GLU B 146 -42.90 19.23 26.12
N GLU B 147 -42.77 19.27 24.79
CA GLU B 147 -42.46 18.08 24.03
C GLU B 147 -41.11 17.51 24.50
N GLY B 148 -40.13 18.39 24.61
CA GLY B 148 -38.80 18.01 25.08
C GLY B 148 -38.87 17.38 26.46
N ARG B 149 -39.48 18.11 27.40
CA ARG B 149 -39.64 17.65 28.77
C ARG B 149 -40.39 16.32 28.88
N ASP B 150 -41.46 16.21 28.08
CA ASP B 150 -42.27 14.99 28.03
C ASP B 150 -41.39 13.82 27.62
N MET B 151 -40.70 14.01 26.49
CA MET B 151 -39.79 13.00 25.96
C MET B 151 -38.78 12.52 27.01
N ALA B 152 -38.25 13.43 27.82
CA ALA B 152 -37.24 13.05 28.81
C ALA B 152 -37.84 12.11 29.84
N ASN B 153 -39.13 12.30 30.12
CA ASN B 153 -39.89 11.39 30.97
C ASN B 153 -40.16 10.06 30.30
N ARG B 154 -40.59 10.08 29.05
CA ARG B 154 -40.81 8.84 28.29
C ARG B 154 -39.56 7.94 28.32
N ILE B 155 -38.38 8.54 28.17
CA ILE B 155 -37.16 7.76 28.03
C ILE B 155 -36.43 7.56 29.35
N GLY B 156 -36.90 8.22 30.40
CA GLY B 156 -36.31 8.04 31.71
C GLY B 156 -34.98 8.76 31.86
N ALA B 157 -34.86 9.94 31.26
CA ALA B 157 -33.66 10.76 31.42
C ALA B 157 -33.49 11.22 32.86
N PHE B 158 -32.25 11.47 33.25
CA PHE B 158 -31.95 12.11 34.52
C PHE B 158 -32.50 13.55 34.53
N GLY B 159 -32.56 14.18 33.36
CA GLY B 159 -33.09 15.53 33.28
C GLY B 159 -33.21 16.09 31.88
N TYR B 160 -33.90 17.22 31.77
CA TYR B 160 -34.05 17.93 30.51
C TYR B 160 -33.44 19.33 30.58
N MET B 161 -32.48 19.61 29.72
CA MET B 161 -31.92 20.95 29.58
C MET B 161 -32.09 21.43 28.15
N GLU B 162 -32.30 22.73 28.00
CA GLU B 162 -32.26 23.35 26.68
C GLU B 162 -31.07 24.28 26.68
N CYS B 163 -30.46 24.47 25.52
CA CYS B 163 -29.37 25.43 25.43
C CYS B 163 -29.25 25.94 24.02
N SER B 164 -28.44 26.97 23.82
CA SER B 164 -28.00 27.43 22.50
C SER B 164 -26.51 27.60 22.59
N ALA B 165 -25.76 26.82 21.83
CA ALA B 165 -24.32 26.93 21.88
C ALA B 165 -23.90 28.30 21.36
N LYS B 166 -24.64 28.80 20.38
CA LYS B 166 -24.26 30.02 19.67
C LYS B 166 -24.36 31.28 20.58
N THR B 167 -25.41 31.37 21.39
CA THR B 167 -25.57 32.49 22.29
C THR B 167 -25.05 32.14 23.69
N LYS B 168 -24.64 30.88 23.85
CA LYS B 168 -24.13 30.30 25.11
C LYS B 168 -25.20 30.15 26.16
N ASP B 169 -26.43 30.47 25.78
CA ASP B 169 -27.56 30.40 26.69
C ASP B 169 -27.75 28.95 27.16
N GLY B 170 -27.44 28.69 28.42
CA GLY B 170 -27.72 27.39 28.99
C GLY B 170 -26.59 26.38 28.86
N VAL B 171 -25.60 26.70 28.03
CA VAL B 171 -24.49 25.80 27.80
C VAL B 171 -23.91 25.39 29.13
N ARG B 172 -23.72 26.37 30.00
CA ARG B 172 -23.15 26.04 31.29
C ARG B 172 -24.06 25.03 31.96
N GLU B 173 -25.30 25.39 32.31
CA GLU B 173 -26.19 24.51 33.09
C GLU B 173 -26.28 23.07 32.56
N VAL B 174 -26.23 22.90 31.24
CA VAL B 174 -26.13 21.56 30.67
C VAL B 174 -25.00 20.73 31.32
N PHE B 175 -23.81 21.31 31.44
CA PHE B 175 -22.68 20.52 31.92
C PHE B 175 -22.61 20.32 33.44
N GLU B 176 -23.32 21.13 34.21
CA GLU B 176 -23.42 20.90 35.66
C GLU B 176 -24.46 19.84 35.92
N MET B 177 -25.55 19.88 35.18
CA MET B 177 -26.53 18.81 35.32
C MET B 177 -25.83 17.48 35.03
N ALA B 178 -25.09 17.46 33.92
CA ALA B 178 -24.36 16.27 33.51
C ALA B 178 -23.32 15.84 34.56
N THR B 179 -22.62 16.82 35.13
CA THR B 179 -21.58 16.51 36.12
C THR B 179 -22.22 15.96 37.39
N ARG B 180 -23.33 16.57 37.80
CA ARG B 180 -24.01 16.15 39.02
C ARG B 180 -24.59 14.76 38.81
N ALA B 181 -25.01 14.49 37.58
CA ALA B 181 -25.50 13.17 37.22
C ALA B 181 -24.37 12.15 37.36
N ALA B 182 -23.18 12.54 36.92
CA ALA B 182 -22.05 11.63 36.87
C ALA B 182 -21.48 11.30 38.24
N LEU B 183 -21.53 12.26 39.16
CA LEU B 183 -20.84 12.10 40.46
C LEU B 183 -21.49 10.99 41.28
N GLN B 184 -22.81 10.92 41.27
CA GLN B 184 -23.54 9.87 41.96
C GLN B 184 -23.18 8.47 41.48
N PHE C 14 15.08 -28.05 -22.86
CA PHE C 14 15.56 -28.04 -21.48
C PHE C 14 16.07 -29.41 -21.03
N GLY C 15 17.38 -29.53 -20.90
CA GLY C 15 18.05 -30.78 -20.55
C GLY C 15 18.49 -31.59 -21.76
N VAL C 16 19.03 -30.90 -22.77
CA VAL C 16 19.36 -31.50 -24.07
C VAL C 16 20.12 -30.47 -24.94
N CYS C 17 21.03 -30.93 -25.81
CA CYS C 17 21.62 -30.04 -26.82
C CYS C 17 21.59 -30.70 -28.20
N SER C 27 22.24 -24.93 -36.96
CA SER C 27 21.80 -23.67 -36.39
C SER C 27 21.82 -23.69 -34.86
N VAL C 28 20.74 -23.23 -34.24
CA VAL C 28 20.70 -23.00 -32.80
C VAL C 28 19.34 -23.35 -32.22
N PRO C 29 19.31 -23.95 -31.01
CA PRO C 29 18.05 -24.37 -30.37
C PRO C 29 17.03 -23.22 -30.28
N ILE C 30 15.76 -23.56 -30.48
CA ILE C 30 14.73 -22.54 -30.63
C ILE C 30 14.33 -21.89 -29.31
N VAL C 31 14.47 -22.61 -28.20
CA VAL C 31 14.20 -22.01 -26.91
C VAL C 31 15.26 -20.92 -26.67
N LEU C 32 16.50 -21.27 -26.95
CA LEU C 32 17.61 -20.34 -26.86
C LEU C 32 17.38 -19.08 -27.70
N GLU C 33 17.16 -19.27 -29.00
CA GLU C 33 17.07 -18.13 -29.89
C GLU C 33 15.84 -17.27 -29.62
N LYS C 34 14.73 -17.88 -29.20
CA LYS C 34 13.55 -17.10 -28.83
C LYS C 34 13.82 -16.22 -27.62
N LEU C 35 14.50 -16.79 -26.62
CA LEU C 35 14.86 -16.03 -25.43
C LEU C 35 15.79 -14.86 -25.79
N LEU C 36 16.89 -15.18 -26.47
CA LEU C 36 17.89 -14.19 -26.84
C LEU C 36 17.31 -13.03 -27.64
N GLU C 37 16.49 -13.35 -28.64
CA GLU C 37 15.94 -12.35 -29.54
C GLU C 37 14.93 -11.47 -28.85
N HIS C 38 14.20 -12.02 -27.88
CA HIS C 38 13.28 -11.19 -27.11
C HIS C 38 14.06 -10.17 -26.26
N VAL C 39 15.16 -10.62 -25.66
CA VAL C 39 15.97 -9.77 -24.81
C VAL C 39 16.67 -8.71 -25.65
N GLU C 40 17.21 -9.11 -26.78
CA GLU C 40 17.80 -8.17 -27.73
C GLU C 40 16.76 -7.13 -28.17
N MET C 41 15.53 -7.58 -28.37
CA MET C 41 14.50 -6.64 -28.81
C MET C 41 13.98 -5.75 -27.67
N HIS C 42 14.04 -6.24 -26.44
CA HIS C 42 13.37 -5.52 -25.35
C HIS C 42 14.23 -5.19 -24.13
N GLY C 43 15.31 -5.95 -23.89
CA GLY C 43 15.99 -5.85 -22.62
C GLY C 43 17.29 -5.06 -22.56
N LEU C 44 17.81 -4.65 -23.72
CA LEU C 44 19.20 -4.18 -23.78
C LEU C 44 19.43 -2.83 -23.10
N TYR C 45 18.36 -2.16 -22.69
CA TYR C 45 18.51 -0.90 -21.93
C TYR C 45 18.23 -1.13 -20.45
N THR C 46 17.91 -2.37 -20.09
CA THR C 46 17.59 -2.66 -18.70
C THR C 46 18.87 -2.68 -17.91
N GLU C 47 18.93 -1.88 -16.85
CA GLU C 47 20.10 -1.87 -16.01
C GLU C 47 20.25 -3.20 -15.27
N GLY C 48 21.44 -3.79 -15.30
CA GLY C 48 21.72 -5.02 -14.56
C GLY C 48 21.23 -6.28 -15.26
N LEU C 49 21.02 -6.17 -16.56
CA LEU C 49 20.65 -7.33 -17.37
C LEU C 49 21.60 -8.52 -17.09
N TYR C 50 21.01 -9.65 -16.67
CA TYR C 50 21.72 -10.91 -16.34
C TYR C 50 22.43 -10.89 -14.98
N ARG C 51 22.70 -9.70 -14.43
CA ARG C 51 23.18 -9.57 -13.05
C ARG C 51 22.03 -9.68 -12.04
N LYS C 52 20.87 -9.13 -12.40
CA LYS C 52 19.69 -9.18 -11.52
C LYS C 52 18.89 -10.46 -11.75
N SER C 53 18.29 -10.99 -10.70
CA SER C 53 17.46 -12.17 -10.84
C SER C 53 15.97 -11.83 -10.79
N GLY C 54 15.16 -12.68 -11.41
CA GLY C 54 13.74 -12.50 -11.41
C GLY C 54 13.14 -13.08 -10.15
N ALA C 55 11.83 -12.89 -10.01
CA ALA C 55 11.05 -13.52 -8.96
C ALA C 55 11.09 -15.04 -9.12
N ALA C 56 11.20 -15.75 -8.01
CA ALA C 56 11.30 -17.20 -8.05
C ALA C 56 10.07 -17.81 -8.68
N ASN C 57 8.91 -17.48 -8.12
CA ASN C 57 7.65 -18.07 -8.55
C ASN C 57 7.40 -17.80 -10.03
N ARG C 58 7.59 -16.55 -10.45
CA ARG C 58 7.36 -16.15 -11.84
C ARG C 58 8.34 -16.76 -12.85
N THR C 59 9.59 -16.99 -12.42
CA THR C 59 10.60 -17.59 -13.28
C THR C 59 10.32 -19.09 -13.48
N ARG C 60 9.81 -19.70 -12.41
CA ARG C 60 9.37 -21.08 -12.44
C ARG C 60 8.26 -21.25 -13.48
N GLU C 61 7.31 -20.32 -13.47
CA GLU C 61 6.20 -20.35 -14.41
C GLU C 61 6.66 -20.22 -15.84
N LEU C 62 7.70 -19.44 -16.11
CA LEU C 62 8.16 -19.30 -17.48
C LEU C 62 8.91 -20.57 -17.91
N ARG C 63 9.52 -21.27 -16.95
CA ARG C 63 10.22 -22.49 -17.30
C ARG C 63 9.21 -23.59 -17.60
N GLN C 64 8.16 -23.68 -16.77
CA GLN C 64 7.10 -24.67 -16.98
C GLN C 64 6.36 -24.41 -18.29
N ALA C 65 6.29 -23.13 -18.69
CA ALA C 65 5.57 -22.73 -19.90
C ALA C 65 6.43 -22.88 -21.16
N LEU C 66 7.74 -22.99 -20.98
CA LEU C 66 8.64 -23.26 -22.11
C LEU C 66 8.85 -24.77 -22.27
N GLN C 67 8.23 -25.54 -21.36
CA GLN C 67 8.09 -26.96 -21.55
C GLN C 67 6.78 -27.20 -22.30
N THR C 68 5.68 -26.72 -21.72
CA THR C 68 4.35 -26.88 -22.31
C THR C 68 4.25 -26.18 -23.68
N ASP C 69 4.27 -24.85 -23.70
CA ASP C 69 4.01 -24.08 -24.92
C ASP C 69 5.25 -23.38 -25.48
N PRO C 70 6.18 -24.14 -26.10
CA PRO C 70 7.54 -23.69 -26.43
C PRO C 70 7.60 -22.36 -27.20
N ALA C 71 6.87 -22.25 -28.30
CA ALA C 71 6.79 -20.99 -29.05
C ALA C 71 5.44 -20.32 -28.86
N ALA C 72 4.52 -21.02 -28.20
CA ALA C 72 3.19 -20.49 -27.94
C ALA C 72 3.14 -19.62 -26.67
N VAL C 73 4.31 -19.28 -26.16
CA VAL C 73 4.43 -18.45 -24.97
C VAL C 73 4.72 -16.99 -25.31
N LYS C 74 3.91 -16.09 -24.75
CA LYS C 74 4.12 -14.66 -24.96
C LYS C 74 5.06 -14.07 -23.91
N LEU C 75 6.35 -14.09 -24.22
CA LEU C 75 7.40 -13.55 -23.36
C LEU C 75 7.12 -12.10 -23.01
N GLU C 76 6.27 -11.49 -23.84
CA GLU C 76 5.73 -10.15 -23.64
C GLU C 76 5.19 -9.94 -22.23
N ASN C 77 4.56 -10.96 -21.66
CA ASN C 77 3.99 -10.82 -20.33
C ASN C 77 4.84 -11.45 -19.22
N PHE C 78 6.13 -11.58 -19.46
CA PHE C 78 7.05 -11.95 -18.39
C PHE C 78 8.02 -10.81 -18.10
N PRO C 79 8.41 -10.67 -16.82
CA PRO C 79 9.43 -9.69 -16.42
C PRO C 79 10.77 -10.00 -17.08
N ILE C 80 11.51 -8.97 -17.48
CA ILE C 80 12.74 -9.15 -18.23
C ILE C 80 13.78 -9.98 -17.44
N HIS C 81 13.83 -9.80 -16.13
CA HIS C 81 14.79 -10.55 -15.32
C HIS C 81 14.35 -12.00 -15.08
N ALA C 82 13.05 -12.27 -15.21
CA ALA C 82 12.56 -13.65 -15.26
C ALA C 82 13.05 -14.35 -16.54
N ILE C 83 13.01 -13.60 -17.63
CA ILE C 83 13.39 -14.11 -18.93
C ILE C 83 14.91 -14.35 -18.97
N THR C 84 15.70 -13.42 -18.45
CA THR C 84 17.15 -13.65 -18.29
C THR C 84 17.42 -14.81 -17.32
N GLY C 85 16.65 -14.88 -16.21
CA GLY C 85 16.79 -15.97 -15.27
C GLY C 85 16.66 -17.33 -15.94
N VAL C 86 15.64 -17.46 -16.79
CA VAL C 86 15.35 -18.74 -17.45
C VAL C 86 16.44 -19.13 -18.45
N LEU C 87 16.96 -18.12 -19.14
CA LEU C 87 18.02 -18.35 -20.10
C LEU C 87 19.27 -18.89 -19.42
N LYS C 88 19.69 -18.27 -18.33
CA LYS C 88 20.85 -18.79 -17.60
C LYS C 88 20.56 -20.19 -17.01
N GLN C 89 19.32 -20.46 -16.59
CA GLN C 89 18.95 -21.81 -16.14
C GLN C 89 19.05 -22.84 -17.26
N TRP C 90 18.69 -22.42 -18.47
CA TRP C 90 18.80 -23.29 -19.62
C TRP C 90 20.26 -23.74 -19.83
N LEU C 91 21.18 -22.78 -19.84
CA LEU C 91 22.61 -23.08 -20.02
C LEU C 91 23.17 -23.96 -18.89
N ARG C 92 22.69 -23.77 -17.67
CA ARG C 92 23.22 -24.54 -16.54
C ARG C 92 22.60 -25.93 -16.50
N GLU C 93 21.38 -26.07 -17.00
CA GLU C 93 20.70 -27.37 -16.96
C GLU C 93 21.07 -28.25 -18.14
N LEU C 94 21.94 -27.75 -19.01
CA LEU C 94 22.44 -28.53 -20.13
C LEU C 94 23.16 -29.76 -19.61
N PRO C 95 22.94 -30.90 -20.27
CA PRO C 95 23.58 -32.17 -19.90
C PRO C 95 25.10 -32.02 -19.83
N GLU C 96 25.68 -31.41 -20.87
CA GLU C 96 27.07 -31.01 -20.85
C GLU C 96 27.10 -29.49 -20.96
N PRO C 97 28.05 -28.82 -20.28
CA PRO C 97 28.17 -27.37 -20.44
C PRO C 97 28.41 -26.97 -21.89
N LEU C 98 27.97 -25.78 -22.28
CA LEU C 98 28.02 -25.35 -23.66
C LEU C 98 29.42 -25.52 -24.25
N MET C 99 30.42 -24.99 -23.55
CA MET C 99 31.79 -25.34 -23.83
C MET C 99 31.98 -26.69 -23.14
N THR C 100 32.63 -27.64 -23.81
CA THR C 100 32.54 -29.03 -23.40
C THR C 100 33.42 -29.41 -22.20
N PHE C 101 33.14 -30.57 -21.60
CA PHE C 101 34.04 -31.13 -20.59
C PHE C 101 35.41 -31.43 -21.21
N ALA C 102 35.37 -31.93 -22.44
CA ALA C 102 36.57 -32.41 -23.13
C ALA C 102 37.65 -31.34 -23.20
N GLN C 103 37.30 -30.21 -23.82
CA GLN C 103 38.26 -29.13 -24.02
C GLN C 103 38.24 -28.10 -22.90
N TYR C 104 37.77 -28.51 -21.72
CA TYR C 104 37.81 -27.65 -20.54
C TYR C 104 39.24 -27.26 -20.18
N GLY C 105 40.06 -28.28 -19.89
CA GLY C 105 41.45 -28.06 -19.55
C GLY C 105 42.20 -27.24 -20.58
N ASP C 106 41.81 -27.40 -21.85
CA ASP C 106 42.44 -26.69 -22.97
C ASP C 106 42.11 -25.19 -22.98
N PHE C 107 40.94 -24.82 -22.48
CA PHE C 107 40.60 -23.40 -22.33
C PHE C 107 41.44 -22.78 -21.24
N LEU C 108 41.50 -23.46 -20.09
CA LEU C 108 42.29 -22.97 -18.97
C LEU C 108 43.78 -22.93 -19.31
N ARG C 109 44.24 -23.90 -20.07
CA ARG C 109 45.62 -23.94 -20.53
C ARG C 109 45.92 -22.69 -21.33
N ALA C 110 44.97 -22.31 -22.20
CA ALA C 110 45.12 -21.14 -23.06
C ALA C 110 45.25 -19.83 -22.27
N VAL C 111 44.54 -19.72 -21.14
CA VAL C 111 44.56 -18.48 -20.38
C VAL C 111 45.72 -18.46 -19.39
N GLU C 112 46.56 -19.46 -19.47
CA GLU C 112 47.75 -19.45 -18.63
C GLU C 112 49.01 -19.31 -19.49
N LEU C 113 48.83 -19.06 -20.79
CA LEU C 113 49.93 -18.76 -21.71
C LEU C 113 50.49 -17.36 -21.39
N PRO C 114 51.72 -17.06 -21.86
CA PRO C 114 52.38 -15.81 -21.43
C PRO C 114 51.67 -14.51 -21.81
N GLU C 115 51.58 -14.21 -23.11
CA GLU C 115 51.05 -12.91 -23.52
C GLU C 115 49.61 -13.00 -24.04
N LYS C 116 48.86 -11.92 -23.82
CA LYS C 116 47.43 -11.86 -24.08
C LYS C 116 47.04 -12.25 -25.50
N GLN C 117 47.89 -11.90 -26.46
CA GLN C 117 47.63 -12.18 -27.86
C GLN C 117 47.72 -13.69 -28.13
N GLU C 118 48.57 -14.38 -27.38
CA GLU C 118 48.70 -15.85 -27.47
C GLU C 118 47.52 -16.55 -26.84
N GLN C 119 47.09 -16.04 -25.71
CA GLN C 119 45.94 -16.59 -25.00
C GLN C 119 44.71 -16.56 -25.91
N LEU C 120 44.49 -15.40 -26.51
CA LEU C 120 43.40 -15.20 -27.44
C LEU C 120 43.52 -16.19 -28.59
N ALA C 121 44.72 -16.27 -29.17
CA ALA C 121 44.95 -17.18 -30.27
C ALA C 121 44.62 -18.63 -29.86
N ALA C 122 45.10 -19.03 -28.69
CA ALA C 122 44.86 -20.38 -28.20
C ALA C 122 43.40 -20.61 -27.83
N ILE C 123 42.77 -19.59 -27.26
CA ILE C 123 41.36 -19.69 -26.91
C ILE C 123 40.61 -20.06 -28.18
N TYR C 124 40.84 -19.26 -29.20
CA TYR C 124 40.12 -19.39 -30.46
C TYR C 124 40.50 -20.68 -31.17
N ALA C 125 41.73 -21.14 -30.95
CA ALA C 125 42.13 -22.46 -31.44
C ALA C 125 41.31 -23.57 -30.77
N VAL C 126 41.06 -23.45 -29.46
CA VAL C 126 40.22 -24.45 -28.76
C VAL C 126 38.82 -24.44 -29.33
N LEU C 127 38.34 -23.24 -29.63
CA LEU C 127 36.99 -23.07 -30.18
C LEU C 127 36.81 -23.86 -31.47
N GLU C 128 37.90 -23.99 -32.20
CA GLU C 128 37.90 -24.72 -33.48
C GLU C 128 37.57 -26.21 -33.32
N HIS C 129 37.87 -26.77 -32.15
CA HIS C 129 37.68 -28.21 -31.98
C HIS C 129 36.41 -28.58 -31.22
N LEU C 130 35.59 -27.58 -30.92
CA LEU C 130 34.26 -27.80 -30.34
C LEU C 130 33.37 -28.55 -31.33
N PRO C 131 32.46 -29.41 -30.81
CA PRO C 131 31.45 -30.00 -31.68
C PRO C 131 30.56 -28.92 -32.26
N GLU C 132 30.16 -29.06 -33.52
CA GLU C 132 29.48 -27.99 -34.26
C GLU C 132 28.22 -27.50 -33.55
N ALA C 133 27.52 -28.42 -32.90
CA ALA C 133 26.29 -28.08 -32.18
C ALA C 133 26.59 -27.09 -31.07
N ASN C 134 27.61 -27.43 -30.27
CA ASN C 134 28.04 -26.59 -29.17
C ASN C 134 28.59 -25.23 -29.64
N HIS C 135 29.33 -25.25 -30.74
CA HIS C 135 29.95 -24.03 -31.25
C HIS C 135 28.92 -23.03 -31.79
N ASN C 136 27.79 -23.51 -32.30
CA ASN C 136 26.78 -22.60 -32.84
C ASN C 136 25.91 -21.94 -31.76
N SER C 137 25.59 -22.71 -30.72
CA SER C 137 24.93 -22.14 -29.55
C SER C 137 25.86 -21.14 -28.86
N LEU C 138 27.13 -21.52 -28.68
CA LEU C 138 28.10 -20.65 -27.99
C LEU C 138 28.29 -19.32 -28.69
N GLU C 139 28.59 -19.37 -29.98
CA GLU C 139 28.87 -18.16 -30.73
C GLU C 139 27.62 -17.27 -30.86
N ARG C 140 26.45 -17.90 -30.81
CA ARG C 140 25.21 -17.13 -30.78
C ARG C 140 25.09 -16.36 -29.46
N LEU C 141 25.45 -17.03 -28.36
CA LEU C 141 25.36 -16.46 -27.01
C LEU C 141 26.35 -15.31 -26.82
N ILE C 142 27.60 -15.56 -27.22
CA ILE C 142 28.65 -14.55 -27.16
C ILE C 142 28.25 -13.31 -27.95
N PHE C 143 27.71 -13.52 -29.15
CA PHE C 143 27.22 -12.42 -29.99
C PHE C 143 26.20 -11.63 -29.20
N HIS C 144 25.30 -12.35 -28.50
CA HIS C 144 24.29 -11.71 -27.65
C HIS C 144 24.92 -10.83 -26.57
N LEU C 145 25.91 -11.38 -25.87
CA LEU C 145 26.59 -10.64 -24.80
C LEU C 145 27.38 -9.45 -25.37
N VAL C 146 27.90 -9.59 -26.59
CA VAL C 146 28.53 -8.46 -27.24
C VAL C 146 27.54 -7.31 -27.37
N LYS C 147 26.32 -7.64 -27.83
CA LYS C 147 25.29 -6.62 -28.02
C LYS C 147 24.88 -6.07 -26.66
N VAL C 148 24.88 -6.91 -25.61
CA VAL C 148 24.64 -6.36 -24.27
C VAL C 148 25.76 -5.37 -23.89
N ALA C 149 27.01 -5.77 -24.13
CA ALA C 149 28.18 -4.97 -23.74
C ALA C 149 28.28 -3.62 -24.46
N LEU C 150 27.90 -3.60 -25.73
CA LEU C 150 27.95 -2.36 -26.50
C LEU C 150 27.11 -1.28 -25.83
N LEU C 151 26.10 -1.70 -25.09
CA LEU C 151 25.19 -0.76 -24.43
C LEU C 151 25.47 -0.53 -22.94
N GLU C 152 26.69 -0.87 -22.49
CA GLU C 152 27.10 -0.67 -21.10
C GLU C 152 26.78 0.74 -20.58
N ASP C 153 26.90 1.73 -21.46
CA ASP C 153 26.63 3.11 -21.04
C ASP C 153 25.17 3.27 -20.59
N VAL C 154 24.31 2.32 -20.96
CA VAL C 154 22.93 2.31 -20.48
C VAL C 154 22.67 1.24 -19.43
N ASN C 155 22.92 -0.02 -19.78
CA ASN C 155 22.58 -1.13 -18.91
C ASN C 155 23.65 -1.45 -17.87
N ARG C 156 24.81 -0.80 -17.99
CA ARG C 156 25.92 -0.87 -17.04
C ARG C 156 26.68 -2.20 -17.00
N MET C 157 26.30 -3.15 -17.84
CA MET C 157 27.00 -4.43 -17.98
C MET C 157 28.27 -4.33 -18.85
N SER C 158 29.41 -4.39 -18.17
CA SER C 158 30.72 -4.50 -18.82
C SER C 158 30.97 -5.93 -19.27
N PRO C 159 31.91 -6.14 -20.21
CA PRO C 159 32.29 -7.50 -20.56
C PRO C 159 32.69 -8.32 -19.33
N GLY C 160 33.44 -7.67 -18.42
CA GLY C 160 33.85 -8.27 -17.17
C GLY C 160 32.69 -8.78 -16.32
N ALA C 161 31.75 -7.89 -16.04
CA ALA C 161 30.56 -8.25 -15.30
C ALA C 161 29.84 -9.41 -15.96
N LEU C 162 29.70 -9.33 -17.28
CA LEU C 162 28.96 -10.37 -17.98
C LEU C 162 29.72 -11.70 -17.87
N ALA C 163 31.05 -11.61 -17.90
CA ALA C 163 31.90 -12.81 -17.83
C ALA C 163 31.76 -13.49 -16.47
N ILE C 164 31.75 -12.67 -15.42
CA ILE C 164 31.55 -13.18 -14.07
C ILE C 164 30.24 -13.96 -13.96
N ILE C 165 29.16 -13.41 -14.56
CA ILE C 165 27.86 -14.07 -14.49
C ILE C 165 27.86 -15.38 -15.28
N PHE C 166 28.38 -15.35 -16.50
CA PHE C 166 28.19 -16.48 -17.40
C PHE C 166 29.27 -17.55 -17.30
N ALA C 167 30.44 -17.20 -16.73
CA ALA C 167 31.55 -18.15 -16.64
C ALA C 167 31.12 -19.49 -16.01
N PRO C 168 30.49 -19.48 -14.82
CA PRO C 168 30.07 -20.78 -14.28
C PRO C 168 29.02 -21.51 -15.17
N CYS C 169 28.23 -20.78 -15.96
CA CYS C 169 27.26 -21.40 -16.87
C CYS C 169 27.88 -22.19 -18.02
N LEU C 170 28.96 -21.66 -18.58
CA LEU C 170 29.48 -22.16 -19.84
C LEU C 170 30.61 -23.17 -19.68
N LEU C 171 31.28 -23.13 -18.54
CA LEU C 171 32.31 -24.12 -18.18
C LEU C 171 32.09 -24.61 -16.74
N ARG C 172 32.37 -25.87 -16.51
CA ARG C 172 32.08 -26.50 -15.22
C ARG C 172 33.07 -27.62 -15.00
N CYS C 173 33.70 -27.65 -13.82
CA CYS C 173 34.82 -28.56 -13.58
C CYS C 173 34.34 -30.03 -13.56
N PRO C 174 34.98 -30.88 -14.39
CA PRO C 174 34.72 -32.33 -14.42
C PRO C 174 35.27 -33.07 -13.19
N SER C 177 33.62 -31.81 -9.21
CA SER C 177 34.72 -32.03 -8.26
C SER C 177 34.40 -31.42 -6.89
N ASP C 178 35.46 -30.97 -6.19
CA ASP C 178 35.32 -30.25 -4.91
C ASP C 178 35.26 -28.72 -5.12
N PRO C 179 34.34 -28.04 -4.41
CA PRO C 179 34.12 -26.58 -4.51
C PRO C 179 35.36 -25.69 -4.40
N LEU C 180 36.36 -26.07 -3.58
CA LEU C 180 37.50 -25.20 -3.35
C LEU C 180 38.49 -25.13 -4.52
N THR C 181 38.60 -26.21 -5.30
CA THR C 181 39.45 -26.15 -6.49
C THR C 181 38.63 -25.62 -7.67
N SER C 182 37.34 -25.97 -7.72
CA SER C 182 36.40 -25.37 -8.67
C SER C 182 36.38 -23.84 -8.52
N MET C 183 36.69 -23.39 -7.30
CA MET C 183 36.81 -21.99 -6.97
C MET C 183 38.08 -21.38 -7.59
N LYS C 184 39.11 -22.19 -7.77
CA LYS C 184 40.34 -21.74 -8.42
C LYS C 184 40.04 -21.39 -9.88
N ASP C 185 39.50 -22.37 -10.58
CA ASP C 185 39.27 -22.32 -12.00
C ASP C 185 38.30 -21.22 -12.44
N VAL C 186 37.43 -20.77 -11.54
CA VAL C 186 36.31 -19.92 -11.92
C VAL C 186 36.80 -18.57 -12.42
N LEU C 187 37.88 -18.09 -11.80
CA LEU C 187 38.39 -16.77 -12.10
C LEU C 187 39.15 -16.89 -13.40
N LYS C 188 39.59 -18.10 -13.69
CA LYS C 188 40.28 -18.34 -14.93
C LYS C 188 39.29 -18.57 -16.09
N ILE C 189 38.12 -19.16 -15.82
CA ILE C 189 37.14 -19.32 -16.88
C ILE C 189 36.47 -17.97 -17.17
N THR C 190 36.37 -17.12 -16.13
CA THR C 190 35.88 -15.75 -16.27
C THR C 190 36.79 -14.99 -17.22
N THR C 191 38.08 -15.18 -17.05
CA THR C 191 39.06 -14.48 -17.85
C THR C 191 38.91 -14.87 -19.29
N CYS C 192 38.66 -16.16 -19.50
CA CYS C 192 38.44 -16.71 -20.84
C CYS C 192 37.22 -16.03 -21.48
N VAL C 193 36.12 -15.99 -20.73
CA VAL C 193 34.88 -15.45 -21.25
C VAL C 193 34.96 -13.95 -21.44
N GLU C 194 35.71 -13.26 -20.60
CA GLU C 194 35.79 -11.82 -20.73
C GLU C 194 36.56 -11.46 -22.00
N MET C 195 37.63 -12.18 -22.26
CA MET C 195 38.44 -11.98 -23.47
C MET C 195 37.69 -12.27 -24.76
N LEU C 196 36.89 -13.33 -24.76
CA LEU C 196 36.07 -13.63 -25.92
C LEU C 196 35.13 -12.47 -26.18
N ILE C 197 34.37 -12.06 -25.17
CA ILE C 197 33.45 -10.94 -25.32
C ILE C 197 34.20 -9.69 -25.80
N LYS C 198 35.26 -9.31 -25.10
CA LYS C 198 36.06 -8.16 -25.53
C LYS C 198 36.57 -8.29 -26.98
N GLU C 199 37.06 -9.47 -27.36
CA GLU C 199 37.60 -9.68 -28.72
C GLU C 199 36.54 -9.56 -29.81
N GLN C 200 35.46 -10.32 -29.65
CA GLN C 200 34.28 -10.21 -30.50
C GLN C 200 33.74 -8.77 -30.57
N MET C 201 33.82 -8.06 -29.46
CA MET C 201 33.44 -6.65 -29.43
C MET C 201 34.38 -5.80 -30.28
N ARG C 202 35.67 -6.12 -30.25
CA ARG C 202 36.62 -5.37 -31.05
C ARG C 202 36.42 -5.65 -32.55
N LYS C 203 36.10 -6.91 -32.89
CA LYS C 203 35.86 -7.31 -34.27
C LYS C 203 34.63 -6.61 -34.81
N TYR C 204 33.66 -6.36 -33.93
CA TYR C 204 32.48 -5.59 -34.27
C TYR C 204 32.87 -4.19 -34.72
N LYS C 205 33.68 -3.51 -33.92
CA LYS C 205 33.99 -2.10 -34.17
C LYS C 205 34.87 -1.94 -35.40
N VAL C 206 35.70 -2.94 -35.66
CA VAL C 206 36.53 -2.96 -36.86
C VAL C 206 35.68 -3.14 -38.12
N LYS C 207 34.82 -4.15 -38.10
CA LYS C 207 34.05 -4.51 -39.28
C LYS C 207 33.02 -3.43 -39.59
N MET C 208 32.51 -2.77 -38.56
CA MET C 208 31.60 -1.65 -38.75
C MET C 208 32.32 -0.53 -39.46
N GLU C 209 33.60 -0.36 -39.14
CA GLU C 209 34.40 0.64 -39.82
C GLU C 209 34.72 0.19 -41.25
N GLU C 210 34.97 -1.11 -41.43
CA GLU C 210 35.38 -1.65 -42.73
C GLU C 210 34.26 -1.62 -43.74
N ILE C 211 33.03 -1.73 -43.26
CA ILE C 211 31.86 -1.65 -44.11
C ILE C 211 31.78 -0.30 -44.86
N SER C 212 32.22 0.76 -44.19
CA SER C 212 32.10 2.10 -44.72
C SER C 212 33.27 2.49 -45.62
N GLN C 213 34.20 1.58 -45.89
CA GLN C 213 35.41 1.96 -46.61
C GLN C 213 35.66 1.10 -47.85
N LEU C 214 36.49 1.66 -48.74
CA LEU C 214 36.72 1.21 -50.12
C LEU C 214 35.50 1.54 -51.00
N ALA D 7 39.16 -8.19 22.94
CA ALA D 7 38.09 -7.95 21.97
C ALA D 7 37.54 -9.25 21.39
N ILE D 8 36.25 -9.26 21.10
CA ILE D 8 35.56 -10.44 20.61
C ILE D 8 35.47 -10.42 19.10
N ARG D 9 35.78 -11.56 18.49
CA ARG D 9 35.73 -11.72 17.05
C ARG D 9 34.46 -12.41 16.62
N LYS D 10 33.74 -11.77 15.71
CA LYS D 10 32.50 -12.33 15.21
C LYS D 10 32.52 -12.40 13.70
N LYS D 11 31.98 -13.48 13.14
CA LYS D 11 31.90 -13.66 11.70
C LYS D 11 30.49 -13.36 11.19
N LEU D 12 30.39 -12.42 10.26
CA LEU D 12 29.14 -12.12 9.60
C LEU D 12 29.21 -12.40 8.07
N VAL D 13 28.12 -12.94 7.55
CA VAL D 13 28.00 -13.23 6.13
C VAL D 13 26.80 -12.45 5.61
N ILE D 14 26.93 -11.80 4.45
CA ILE D 14 25.79 -11.12 3.85
C ILE D 14 25.33 -11.81 2.55
N VAL D 15 24.02 -11.93 2.37
CA VAL D 15 23.44 -12.62 1.22
C VAL D 15 22.17 -11.90 0.77
N GLY D 16 21.71 -12.25 -0.44
CA GLY D 16 20.53 -11.65 -1.03
C GLY D 16 20.76 -11.47 -2.52
N ASP D 17 19.71 -11.17 -3.27
CA ASP D 17 19.78 -11.13 -4.74
C ASP D 17 20.90 -10.19 -5.28
N GLY D 18 21.29 -10.39 -6.53
CA GLY D 18 22.29 -9.57 -7.17
C GLY D 18 21.85 -8.12 -7.31
N ALA D 19 22.83 -7.23 -7.14
CA ALA D 19 22.65 -5.78 -7.23
C ALA D 19 21.62 -5.23 -6.23
N CYS D 20 21.27 -5.99 -5.20
CA CYS D 20 20.38 -5.43 -4.16
C CYS D 20 21.13 -4.57 -3.13
N GLY D 21 22.45 -4.47 -3.24
CA GLY D 21 23.18 -3.47 -2.47
C GLY D 21 24.05 -4.00 -1.33
N LYS D 22 24.32 -5.30 -1.35
CA LYS D 22 25.14 -5.93 -0.31
C LYS D 22 26.54 -5.29 -0.14
N THR D 23 27.24 -5.12 -1.26
CA THR D 23 28.64 -4.69 -1.19
C THR D 23 28.75 -3.24 -0.72
N CYS D 24 27.95 -2.38 -1.35
CA CYS D 24 27.80 -0.99 -0.89
C CYS D 24 27.46 -0.92 0.60
N LEU D 25 26.60 -1.82 1.08
CA LEU D 25 26.28 -1.90 2.51
C LEU D 25 27.52 -2.17 3.36
N LEU D 26 28.29 -3.18 2.99
CA LEU D 26 29.47 -3.55 3.77
C LEU D 26 30.52 -2.45 3.76
N ILE D 27 30.70 -1.81 2.60
CA ILE D 27 31.81 -0.87 2.41
C ILE D 27 31.47 0.53 2.97
N VAL D 28 30.22 0.94 2.88
CA VAL D 28 29.81 2.21 3.48
C VAL D 28 29.95 2.12 5.01
N ASN D 29 29.73 0.93 5.57
CA ASN D 29 29.91 0.73 7.01
C ASN D 29 31.37 0.65 7.40
N SER D 30 32.14 0.00 6.53
CA SER D 30 33.51 -0.39 6.83
C SER D 30 34.56 0.70 6.52
N LYS D 31 34.38 1.40 5.41
CA LYS D 31 35.32 2.42 4.94
C LYS D 31 34.66 3.79 4.81
N ASP D 32 33.35 3.82 5.06
CA ASP D 32 32.51 5.01 4.89
C ASP D 32 32.58 5.59 3.48
N GLN D 33 32.79 4.74 2.48
CA GLN D 33 32.83 5.19 1.10
C GLN D 33 31.72 4.52 0.29
N PHE D 34 31.31 5.15 -0.81
CA PHE D 34 30.29 4.56 -1.63
C PHE D 34 30.88 4.14 -2.97
N PRO D 35 31.02 2.83 -3.19
CA PRO D 35 31.58 2.29 -4.43
C PRO D 35 30.83 2.77 -5.66
N GLU D 36 31.58 3.11 -6.71
CA GLU D 36 31.00 3.59 -7.96
C GLU D 36 31.00 2.52 -9.05
N VAL D 37 31.95 1.59 -8.95
CA VAL D 37 32.10 0.60 -9.99
C VAL D 37 30.96 -0.42 -9.92
N TYR D 38 30.43 -0.75 -11.09
CA TYR D 38 29.29 -1.65 -11.22
C TYR D 38 29.81 -3.04 -11.58
N VAL D 39 30.11 -3.85 -10.56
CA VAL D 39 30.68 -5.16 -10.78
C VAL D 39 30.18 -6.11 -9.71
N PRO D 40 29.64 -7.27 -10.14
CA PRO D 40 29.20 -8.28 -9.17
C PRO D 40 30.38 -8.90 -8.41
N THR D 41 30.20 -8.97 -7.09
CA THR D 41 31.07 -9.71 -6.19
C THR D 41 31.02 -11.21 -6.46
N VAL D 42 32.15 -11.91 -6.42
CA VAL D 42 32.13 -13.35 -6.21
C VAL D 42 32.39 -13.70 -4.72
N PHE D 43 33.57 -13.35 -4.23
CA PHE D 43 33.92 -13.46 -2.79
C PHE D 43 34.83 -12.32 -2.44
N GLU D 44 34.55 -11.67 -1.32
CA GLU D 44 35.43 -10.65 -0.80
C GLU D 44 35.30 -10.62 0.73
N ASN D 45 36.25 -9.98 1.38
CA ASN D 45 36.28 -9.91 2.83
C ASN D 45 36.64 -8.53 3.27
N TYR D 46 35.94 -8.09 4.30
CA TYR D 46 36.26 -6.87 5.04
C TYR D 46 36.19 -7.17 6.54
N VAL D 47 36.71 -6.23 7.31
CA VAL D 47 36.74 -6.30 8.75
C VAL D 47 36.25 -4.95 9.28
N ALA D 48 35.42 -4.94 10.31
CA ALA D 48 34.93 -3.67 10.88
C ALA D 48 34.83 -3.77 12.38
N ASP D 49 35.34 -2.78 13.08
CA ASP D 49 35.30 -2.79 14.53
C ASP D 49 34.07 -2.04 14.99
N ILE D 50 33.36 -2.61 15.96
CA ILE D 50 32.08 -2.07 16.35
C ILE D 50 31.89 -2.18 17.85
N GLU D 51 31.14 -1.24 18.40
CA GLU D 51 30.92 -1.12 19.83
C GLU D 51 29.45 -1.20 20.16
N VAL D 52 29.06 -2.20 20.94
CA VAL D 52 27.70 -2.26 21.45
C VAL D 52 27.70 -2.69 22.92
N ASP D 53 26.89 -1.99 23.72
CA ASP D 53 26.70 -2.27 25.15
C ASP D 53 28.02 -2.46 25.88
N GLY D 54 29.00 -1.61 25.55
CA GLY D 54 30.28 -1.60 26.21
C GLY D 54 31.25 -2.65 25.70
N LYS D 55 30.75 -3.62 24.94
CA LYS D 55 31.59 -4.70 24.43
C LYS D 55 32.22 -4.29 23.09
N GLN D 56 33.49 -4.63 22.92
CA GLN D 56 34.22 -4.32 21.69
C GLN D 56 34.23 -5.52 20.74
N VAL D 57 33.69 -5.35 19.53
CA VAL D 57 33.66 -6.47 18.59
C VAL D 57 34.41 -6.21 17.28
N GLU D 58 35.22 -7.18 16.88
CA GLU D 58 35.79 -7.22 15.54
C GLU D 58 34.85 -8.05 14.64
N LEU D 59 34.28 -7.44 13.63
CA LEU D 59 33.35 -8.13 12.75
C LEU D 59 34.03 -8.55 11.47
N ALA D 60 34.13 -9.86 11.23
CA ALA D 60 34.59 -10.28 9.92
C ALA D 60 33.39 -10.31 8.98
N LEU D 61 33.46 -9.51 7.91
CA LEU D 61 32.37 -9.40 6.94
C LEU D 61 32.74 -10.17 5.67
N TRP D 62 31.94 -11.20 5.39
CA TRP D 62 32.08 -12.06 4.22
C TRP D 62 31.02 -11.69 3.19
N ASP D 63 31.50 -11.22 2.04
CA ASP D 63 30.68 -10.75 0.93
C ASP D 63 30.56 -11.84 -0.12
N THR D 64 29.34 -12.10 -0.56
CA THR D 64 29.04 -13.23 -1.44
C THR D 64 28.34 -12.74 -2.72
N ALA D 65 28.15 -13.66 -3.67
CA ALA D 65 27.42 -13.38 -4.91
C ALA D 65 25.93 -13.77 -4.81
N GLY D 66 25.08 -12.88 -5.34
CA GLY D 66 23.65 -13.08 -5.30
C GLY D 66 23.12 -13.94 -6.43
N GLN D 67 23.92 -14.15 -7.48
CA GLN D 67 23.43 -14.89 -8.65
C GLN D 67 23.27 -16.39 -8.39
N GLU D 68 22.18 -16.95 -8.89
CA GLU D 68 21.97 -18.39 -8.85
C GLU D 68 23.16 -19.12 -9.47
N ASP D 69 23.82 -18.46 -10.43
CA ASP D 69 24.99 -19.05 -11.08
C ASP D 69 26.13 -19.37 -10.11
N TYR D 70 26.10 -18.84 -8.89
CA TYR D 70 27.19 -19.07 -7.91
C TYR D 70 26.69 -19.90 -6.73
N ASP D 71 25.52 -20.51 -6.91
CA ASP D 71 24.91 -21.36 -5.90
C ASP D 71 25.82 -22.49 -5.39
N ARG D 72 26.62 -23.09 -6.28
CA ARG D 72 27.50 -24.19 -5.87
C ARG D 72 28.74 -23.69 -5.14
N LEU D 73 29.10 -22.43 -5.33
CA LEU D 73 30.30 -21.93 -4.67
C LEU D 73 29.97 -21.18 -3.36
N ARG D 74 28.89 -20.40 -3.37
CA ARG D 74 28.56 -19.54 -2.23
C ARG D 74 28.54 -20.25 -0.85
N PRO D 75 28.23 -21.58 -0.78
CA PRO D 75 28.22 -22.10 0.61
C PRO D 75 29.60 -22.28 1.25
N LEU D 76 30.68 -22.08 0.50
CA LEU D 76 32.01 -22.06 1.08
C LEU D 76 32.20 -20.94 2.11
N SER D 77 31.33 -19.93 2.08
CA SER D 77 31.45 -18.82 3.02
C SER D 77 30.71 -19.07 4.34
N TYR D 78 29.86 -20.10 4.39
CA TYR D 78 28.95 -20.28 5.53
C TYR D 78 29.58 -20.84 6.82
N PRO D 79 30.65 -21.67 6.72
CA PRO D 79 31.06 -22.28 8.00
C PRO D 79 31.48 -21.29 9.11
N ASP D 80 31.00 -21.56 10.32
CA ASP D 80 31.31 -20.80 11.54
C ASP D 80 30.82 -19.37 11.52
N THR D 81 29.69 -19.16 10.85
CA THR D 81 29.06 -17.85 10.79
C THR D 81 28.37 -17.53 12.12
N ASP D 82 28.49 -16.29 12.60
CA ASP D 82 27.86 -15.88 13.85
C ASP D 82 26.57 -15.11 13.62
N VAL D 83 26.48 -14.44 12.48
CA VAL D 83 25.26 -13.72 12.19
C VAL D 83 25.11 -13.58 10.68
N ILE D 84 23.87 -13.63 10.23
CA ILE D 84 23.57 -13.47 8.83
C ILE D 84 22.86 -12.15 8.61
N LEU D 85 23.34 -11.38 7.63
CA LEU D 85 22.57 -10.28 7.07
C LEU D 85 21.88 -10.77 5.81
N MET D 86 20.56 -10.86 5.87
CA MET D 86 19.81 -11.36 4.74
C MET D 86 19.11 -10.18 4.09
N CYS D 87 19.51 -9.87 2.85
CA CYS D 87 19.13 -8.62 2.20
C CYS D 87 18.16 -8.72 1.03
N PHE D 88 17.42 -7.65 0.82
CA PHE D 88 16.64 -7.46 -0.40
C PHE D 88 16.62 -5.98 -0.67
N SER D 89 16.14 -5.61 -1.84
CA SER D 89 16.08 -4.20 -2.18
C SER D 89 14.65 -3.68 -2.12
N ILE D 90 14.49 -2.57 -1.42
CA ILE D 90 13.20 -1.90 -1.32
C ILE D 90 12.67 -1.53 -2.71
N ASP D 91 13.56 -1.24 -3.66
CA ASP D 91 13.11 -0.93 -5.01
C ASP D 91 12.85 -2.19 -5.85
N SER D 92 12.80 -3.36 -5.21
CA SER D 92 12.64 -4.61 -5.95
C SER D 92 11.86 -5.70 -5.21
N PRO D 93 10.52 -5.63 -5.27
CA PRO D 93 9.63 -6.67 -4.74
C PRO D 93 10.04 -8.08 -5.13
N ASP D 94 10.53 -8.28 -6.36
CA ASP D 94 11.03 -9.61 -6.73
C ASP D 94 12.06 -10.13 -5.72
N SER D 95 12.95 -9.24 -5.24
CA SER D 95 14.07 -9.67 -4.39
C SER D 95 13.57 -9.97 -2.98
N LEU D 96 12.42 -9.42 -2.64
CA LEU D 96 11.75 -9.77 -1.40
C LEU D 96 11.09 -11.16 -1.49
N GLU D 97 10.35 -11.40 -2.56
CA GLU D 97 9.75 -12.72 -2.79
C GLU D 97 10.83 -13.81 -2.72
N ASN D 98 12.03 -13.50 -3.18
CA ASN D 98 13.07 -14.52 -3.20
C ASN D 98 13.62 -14.78 -1.81
N ILE D 99 13.24 -13.96 -0.83
CA ILE D 99 13.71 -14.17 0.56
C ILE D 99 13.20 -15.48 1.17
N PRO D 100 11.86 -15.71 1.21
CA PRO D 100 11.43 -17.00 1.76
C PRO D 100 11.60 -18.16 0.77
N GLU D 101 11.80 -17.85 -0.51
CA GLU D 101 11.92 -18.86 -1.55
C GLU D 101 13.34 -19.38 -1.72
N LYS D 102 14.32 -18.51 -1.60
CA LYS D 102 15.67 -18.96 -1.82
C LYS D 102 16.62 -18.76 -0.64
N TRP D 103 16.67 -17.53 -0.12
CA TRP D 103 17.70 -17.18 0.86
C TRP D 103 17.44 -17.80 2.23
N THR D 104 16.21 -17.75 2.67
CA THR D 104 15.86 -18.36 3.94
C THR D 104 16.17 -19.86 3.93
N PRO D 105 15.78 -20.59 2.85
CA PRO D 105 16.16 -22.02 2.90
C PRO D 105 17.68 -22.31 2.85
N GLU D 106 18.41 -21.60 1.99
CA GLU D 106 19.84 -21.84 1.88
C GLU D 106 20.53 -21.57 3.22
N VAL D 107 20.11 -20.50 3.88
CA VAL D 107 20.78 -20.06 5.10
C VAL D 107 20.43 -20.91 6.34
N LYS D 108 19.15 -21.19 6.58
CA LYS D 108 18.79 -22.06 7.70
C LYS D 108 19.39 -23.45 7.55
N HIS D 109 19.57 -23.90 6.31
CA HIS D 109 20.20 -25.19 6.07
C HIS D 109 21.70 -25.25 6.30
N PHE D 110 22.45 -24.28 5.76
CA PHE D 110 23.91 -24.24 5.97
C PHE D 110 24.29 -23.62 7.32
N CYS D 111 23.40 -22.79 7.88
CA CYS D 111 23.70 -22.11 9.13
C CYS D 111 22.59 -22.28 10.15
N PRO D 112 22.29 -23.52 10.53
CA PRO D 112 21.22 -23.68 11.52
C PRO D 112 21.60 -23.03 12.85
N ASN D 113 20.62 -22.43 13.53
CA ASN D 113 20.81 -21.70 14.80
C ASN D 113 21.51 -20.37 14.66
N VAL D 114 21.79 -19.94 13.44
CA VAL D 114 22.44 -18.65 13.28
C VAL D 114 21.37 -17.58 13.14
N PRO D 115 21.45 -16.53 13.98
CA PRO D 115 20.53 -15.39 13.95
C PRO D 115 20.55 -14.69 12.61
N ILE D 116 19.35 -14.42 12.10
CA ILE D 116 19.22 -13.73 10.83
C ILE D 116 18.69 -12.33 11.07
N ILE D 117 19.31 -11.33 10.43
CA ILE D 117 18.73 -10.00 10.40
C ILE D 117 18.26 -9.72 8.98
N LEU D 118 16.96 -9.44 8.83
CA LEU D 118 16.45 -9.14 7.49
C LEU D 118 16.67 -7.67 7.22
N VAL D 119 17.09 -7.35 6.00
CA VAL D 119 17.53 -6.00 5.70
C VAL D 119 16.93 -5.47 4.41
N GLY D 120 16.19 -4.36 4.49
CA GLY D 120 15.77 -3.62 3.31
C GLY D 120 16.80 -2.57 2.87
N ASN D 121 17.43 -2.81 1.72
CA ASN D 121 18.42 -1.89 1.19
C ASN D 121 17.75 -0.83 0.32
N LYS D 122 18.51 0.22 -0.01
CA LYS D 122 18.04 1.30 -0.88
C LYS D 122 16.73 2.00 -0.40
N LYS D 123 16.69 2.37 0.89
CA LYS D 123 15.59 3.19 1.43
C LYS D 123 15.30 4.45 0.61
N ASP D 124 16.35 5.16 0.20
CA ASP D 124 16.20 6.41 -0.53
C ASP D 124 15.30 6.27 -1.75
N LEU D 125 15.21 5.04 -2.27
CA LEU D 125 14.50 4.79 -3.52
C LEU D 125 13.02 4.59 -3.27
N ARG D 126 12.65 4.36 -2.01
CA ARG D 126 11.26 4.09 -1.63
C ARG D 126 10.40 5.27 -2.06
N ASN D 127 10.87 6.46 -1.71
CA ASN D 127 10.27 7.69 -2.19
C ASN D 127 11.17 8.44 -3.18
N ASP D 128 11.47 7.78 -4.28
CA ASP D 128 12.19 8.37 -5.40
C ASP D 128 11.27 8.45 -6.60
N GLU D 129 11.34 9.56 -7.35
CA GLU D 129 10.44 9.79 -8.47
C GLU D 129 10.62 8.78 -9.61
N HIS D 130 11.84 8.68 -10.15
CA HIS D 130 12.09 7.78 -11.27
C HIS D 130 11.83 6.31 -10.95
N THR D 131 12.34 5.82 -9.83
CA THR D 131 12.22 4.39 -9.55
C THR D 131 10.74 4.02 -9.36
N ARG D 132 10.00 4.87 -8.67
CA ARG D 132 8.58 4.59 -8.43
C ARG D 132 7.71 4.56 -9.69
N ARG D 133 8.03 5.43 -10.65
CA ARG D 133 7.33 5.41 -11.92
C ARG D 133 7.74 4.19 -12.74
N GLU D 134 9.03 3.86 -12.73
CA GLU D 134 9.58 2.75 -13.52
C GLU D 134 9.07 1.39 -13.02
N LEU D 135 8.76 1.29 -11.72
CA LEU D 135 8.18 0.07 -11.17
C LEU D 135 6.69 -0.03 -11.48
N ALA D 136 5.98 1.10 -11.44
CA ALA D 136 4.56 1.12 -11.79
C ALA D 136 4.31 0.57 -13.19
N LYS D 137 5.32 0.65 -14.05
CA LYS D 137 5.27 0.08 -15.41
C LYS D 137 5.02 -1.43 -15.43
N MET D 138 5.31 -2.12 -14.34
CA MET D 138 5.07 -3.55 -14.25
C MET D 138 4.07 -3.87 -13.13
N LYS D 139 3.20 -2.90 -12.84
CA LYS D 139 2.20 -2.98 -11.78
C LYS D 139 2.83 -3.30 -10.43
N GLN D 140 3.99 -2.71 -10.18
CA GLN D 140 4.66 -2.89 -8.89
C GLN D 140 4.99 -1.55 -8.24
N GLU D 141 5.22 -1.63 -6.94
CA GLU D 141 5.51 -0.50 -6.07
C GLU D 141 6.76 -0.86 -5.26
N PRO D 142 7.47 0.15 -4.72
CA PRO D 142 8.49 -0.21 -3.74
C PRO D 142 7.94 -1.01 -2.57
N VAL D 143 8.78 -1.80 -1.94
CA VAL D 143 8.39 -2.53 -0.75
C VAL D 143 8.04 -1.55 0.39
N LYS D 144 6.94 -1.86 1.08
CA LYS D 144 6.51 -1.08 2.24
C LYS D 144 7.16 -1.66 3.49
N PRO D 145 7.40 -0.83 4.53
CA PRO D 145 8.02 -1.29 5.77
C PRO D 145 7.27 -2.48 6.39
N GLU D 146 5.94 -2.44 6.25
CA GLU D 146 5.07 -3.48 6.78
C GLU D 146 5.38 -4.83 6.14
N GLU D 147 5.51 -4.81 4.81
CA GLU D 147 5.76 -6.02 4.05
C GLU D 147 7.08 -6.68 4.46
N GLY D 148 8.09 -5.83 4.70
CA GLY D 148 9.38 -6.29 5.14
C GLY D 148 9.34 -6.90 6.53
N ARG D 149 8.72 -6.20 7.47
CA ARG D 149 8.61 -6.71 8.83
C ARG D 149 7.80 -8.00 8.91
N ASP D 150 6.71 -8.09 8.16
CA ASP D 150 5.93 -9.31 8.16
C ASP D 150 6.76 -10.47 7.64
N MET D 151 7.55 -10.21 6.59
CA MET D 151 8.44 -11.24 6.05
C MET D 151 9.41 -11.67 7.14
N ALA D 152 9.90 -10.70 7.90
CA ALA D 152 10.84 -10.97 8.98
C ALA D 152 10.23 -11.92 10.00
N ASN D 153 8.98 -11.69 10.37
CA ASN D 153 8.28 -12.59 11.27
C ASN D 153 7.99 -13.94 10.61
N ARG D 154 7.67 -13.92 9.32
CA ARG D 154 7.40 -15.14 8.57
C ARG D 154 8.60 -16.10 8.57
N ILE D 155 9.80 -15.57 8.35
CA ILE D 155 10.98 -16.43 8.30
C ILE D 155 11.64 -16.56 9.65
N GLY D 156 11.09 -15.85 10.64
CA GLY D 156 11.58 -15.93 12.01
C GLY D 156 12.96 -15.31 12.18
N ALA D 157 13.13 -14.10 11.64
CA ALA D 157 14.42 -13.40 11.74
C ALA D 157 14.64 -12.96 13.17
N PHE D 158 15.88 -12.70 13.53
CA PHE D 158 16.16 -12.07 14.82
C PHE D 158 15.55 -10.68 14.85
N GLY D 159 15.72 -9.93 13.77
CA GLY D 159 15.17 -8.57 13.68
C GLY D 159 14.99 -8.07 12.26
N TYR D 160 14.30 -6.94 12.13
CA TYR D 160 14.15 -6.26 10.85
C TYR D 160 14.84 -4.88 10.87
N MET D 161 15.44 -4.49 9.74
CA MET D 161 16.13 -3.20 9.60
C MET D 161 16.09 -2.71 8.16
N GLU D 162 15.86 -1.41 8.01
CA GLU D 162 15.94 -0.80 6.69
C GLU D 162 17.13 0.16 6.65
N CYS D 163 17.73 0.33 5.47
CA CYS D 163 18.87 1.24 5.36
C CYS D 163 19.06 1.78 3.96
N SER D 164 19.96 2.76 3.84
CA SER D 164 20.40 3.30 2.55
C SER D 164 21.89 3.56 2.60
N ALA D 165 22.66 2.77 1.85
CA ALA D 165 24.10 2.90 1.90
C ALA D 165 24.48 4.24 1.28
N LYS D 166 23.75 4.59 0.25
CA LYS D 166 23.93 5.82 -0.52
C LYS D 166 23.83 7.07 0.34
N THR D 167 22.91 7.07 1.32
CA THR D 167 22.71 8.25 2.17
C THR D 167 23.14 8.00 3.61
N LYS D 168 23.69 6.81 3.87
CA LYS D 168 24.24 6.42 5.17
C LYS D 168 23.13 6.14 6.19
N ASP D 169 21.91 6.40 5.74
CA ASP D 169 20.70 6.05 6.44
C ASP D 169 20.66 4.66 7.09
N GLY D 170 20.76 4.60 8.42
CA GLY D 170 20.52 3.35 9.13
C GLY D 170 21.56 2.24 8.92
N VAL D 171 22.62 2.56 8.19
CA VAL D 171 23.73 1.64 8.01
C VAL D 171 24.34 1.23 9.35
N ARG D 172 24.43 2.17 10.29
CA ARG D 172 25.06 1.88 11.57
C ARG D 172 24.20 0.93 12.41
N GLU D 173 22.89 1.12 12.34
CA GLU D 173 21.96 0.37 13.18
C GLU D 173 21.89 -1.09 12.73
N VAL D 174 22.07 -1.31 11.43
CA VAL D 174 22.11 -2.65 10.87
C VAL D 174 23.16 -3.47 11.59
N PHE D 175 24.36 -2.92 11.67
CA PHE D 175 25.50 -3.65 12.20
C PHE D 175 25.48 -3.70 13.72
N GLU D 176 24.79 -2.76 14.35
CA GLU D 176 24.56 -2.82 15.78
C GLU D 176 23.63 -3.97 16.11
N MET D 177 22.47 -4.02 15.45
CA MET D 177 21.53 -5.13 15.64
C MET D 177 22.17 -6.49 15.39
N ALA D 178 22.87 -6.61 14.26
CA ALA D 178 23.57 -7.84 13.91
C ALA D 178 24.61 -8.21 14.95
N THR D 179 25.29 -7.21 15.51
CA THR D 179 26.35 -7.49 16.45
C THR D 179 25.73 -8.01 17.75
N ARG D 180 24.74 -7.27 18.25
CA ARG D 180 23.99 -7.71 19.43
C ARG D 180 23.38 -9.09 19.22
N ALA D 181 22.96 -9.39 17.99
CA ALA D 181 22.41 -10.71 17.69
C ALA D 181 23.48 -11.77 17.89
N ALA D 182 24.68 -11.46 17.42
CA ALA D 182 25.76 -12.43 17.41
C ALA D 182 26.32 -12.68 18.82
N LEU D 183 26.06 -11.77 19.74
CA LEU D 183 26.65 -11.89 21.08
C LEU D 183 25.86 -12.79 22.03
N GLN D 184 24.56 -12.97 21.76
CA GLN D 184 23.73 -13.82 22.60
C GLN D 184 24.26 -15.25 22.67
#